data_8UWT
#
_entry.id   8UWT
#
_cell.length_a   75.407
_cell.length_b   88.245
_cell.length_c   106.593
_cell.angle_alpha   90.00
_cell.angle_beta   90.00
_cell.angle_gamma   90.00
#
_symmetry.space_group_name_H-M   'P 21 21 21'
#
loop_
_entity.id
_entity.type
_entity.pdbx_description
1 polymer 'Possible beta-xylosidase diverged, family 5/39 of glycosyl hydrolases and alpha-amylase C (Greek key) C-terminal domain'
2 non-polymer GLYCEROL
3 non-polymer 'FORMIC ACID'
4 non-polymer 'TRIETHYLENE GLYCOL'
5 non-polymer BICINE
6 non-polymer 'SODIUM ION'
7 water water
#
_entity_poly.entity_id   1
_entity_poly.type   'polypeptide(L)'
_entity_poly.pdbx_seq_one_letter_code
;MATTLTVDCRATLRGVTHCASGSLYGVTESKPFDINQFVAPLKPNVFTNPALAGFNHQQPIGAAIPTAGRLKNTTGKVMI
RLADIFPRWPYGFTNMNDWLGKVTSVINQKKASGYSNFYGYEIWNEPDGTFKNNNVSFNDMWLQTYKLIRRLDPNSQIIG
PSYSYYNHYNMNAFLNFCRANNCLPDVICWHELGGSQNISGNIRDLKTLERSLGIPERKIAINEYSDSNHYAEGQPGASA
PFIAKFERNKVDSACISWWWTNAPGRLGSLMASDTQKGAGWWFYKWYGDMTGNMVNVIPQNDNSNLADGFACVDSNAKYI
SVLLGGVNDGTVNVNIKNIPAFIGSSATVKVEKVDWNGKDTPVNGTNTVFSKRYTVSNGTINVSIPGTNNTSGYRVYVSR
LEHHHHHH
;
_entity_poly.pdbx_strand_id   A,B
#
# COMPACT_ATOMS: atom_id res chain seq x y z
N ALA A 2 22.79 -14.62 -8.26
CA ALA A 2 22.22 -13.26 -8.25
C ALA A 2 21.68 -12.97 -6.85
N THR A 3 21.76 -11.71 -6.47
CA THR A 3 21.06 -11.14 -5.30
C THR A 3 19.70 -10.65 -5.81
N THR A 4 18.60 -11.08 -5.19
CA THR A 4 17.22 -10.86 -5.67
C THR A 4 16.41 -9.93 -4.74
N LEU A 5 15.72 -8.98 -5.37
CA LEU A 5 14.70 -8.11 -4.76
C LEU A 5 13.38 -8.31 -5.49
N THR A 6 12.27 -8.35 -4.77
CA THR A 6 10.94 -8.45 -5.37
C THR A 6 10.14 -7.21 -5.04
N VAL A 7 9.68 -6.50 -6.08
CA VAL A 7 8.87 -5.28 -5.90
C VAL A 7 7.40 -5.67 -6.03
N ASP A 8 6.62 -5.40 -5.01
CA ASP A 8 5.20 -5.82 -4.99
C ASP A 8 4.33 -4.60 -5.17
N CYS A 9 3.90 -4.34 -6.39
CA CYS A 9 3.14 -3.11 -6.70
C CYS A 9 1.78 -3.13 -5.99
N ARG A 10 1.32 -4.26 -5.49
CA ARG A 10 0.03 -4.34 -4.76
C ARG A 10 0.18 -3.82 -3.33
N ALA A 11 1.39 -3.93 -2.77
CA ALA A 11 1.64 -3.69 -1.33
C ALA A 11 1.91 -2.19 -1.10
N THR A 12 0.90 -1.33 -1.26
CA THR A 12 1.05 0.14 -1.05
C THR A 12 1.44 0.41 0.40
N LEU A 13 2.52 1.16 0.63
CA LEU A 13 2.97 1.51 1.99
C LEU A 13 2.30 2.80 2.41
N ARG A 14 2.47 3.86 1.62
CA ARG A 14 2.00 5.23 1.90
C ARG A 14 2.42 6.10 0.73
N GLY A 15 1.98 7.35 0.72
CA GLY A 15 2.49 8.39 -0.17
C GLY A 15 3.98 8.57 -0.05
N VAL A 16 4.61 8.94 -1.15
CA VAL A 16 6.06 9.27 -1.16
C VAL A 16 6.31 10.38 -0.16
N THR A 17 7.32 10.22 0.70
CA THR A 17 7.73 11.27 1.65
C THR A 17 9.22 11.58 1.55
N HIS A 18 10.01 10.83 0.76
CA HIS A 18 11.50 10.97 0.78
C HIS A 18 12.01 10.94 2.22
N CYS A 19 11.53 10.00 3.04
CA CYS A 19 11.66 10.09 4.52
C CYS A 19 13.15 10.13 4.92
N ALA A 20 14.05 9.50 4.17
CA ALA A 20 15.47 9.31 4.56
C ALA A 20 16.35 10.34 3.85
N SER A 21 15.75 11.31 3.14
CA SER A 21 16.57 12.31 2.41
C SER A 21 16.81 13.51 3.35
N GLY A 22 17.91 13.46 4.09
CA GLY A 22 18.30 14.53 5.01
C GLY A 22 19.58 14.17 5.68
N SER A 23 20.13 15.09 6.45
CA SER A 23 21.49 14.93 7.01
C SER A 23 21.68 15.79 8.26
N LEU A 24 22.58 15.34 9.10
CA LEU A 24 23.07 16.05 10.29
C LEU A 24 24.16 17.02 9.84
N TYR A 25 24.02 18.31 10.14
CA TYR A 25 24.94 19.37 9.68
C TYR A 25 25.18 19.23 8.16
N GLY A 26 24.21 18.71 7.41
CA GLY A 26 24.30 18.61 5.95
C GLY A 26 23.99 19.90 5.23
N VAL A 27 23.26 20.81 5.89
CA VAL A 27 23.04 22.22 5.48
C VAL A 27 23.39 23.11 6.67
N THR A 28 24.04 24.24 6.41
CA THR A 28 24.42 25.22 7.46
C THR A 28 23.98 26.60 7.03
N GLU A 29 24.49 27.63 7.68
CA GLU A 29 24.17 29.03 7.29
C GLU A 29 24.82 29.40 5.97
N SER A 30 25.83 28.63 5.55
N SER A 30 25.81 28.65 5.48
CA SER A 30 26.76 28.97 4.45
CA SER A 30 26.56 29.05 4.27
C SER A 30 26.69 27.93 3.33
C SER A 30 26.77 27.90 3.28
N LYS A 31 26.44 26.65 3.65
CA LYS A 31 26.73 25.50 2.76
C LYS A 31 25.54 24.55 2.73
N PRO A 32 25.21 23.96 1.57
CA PRO A 32 25.77 24.37 0.27
C PRO A 32 25.44 25.83 -0.03
N PHE A 33 26.33 26.50 -0.79
CA PHE A 33 26.12 27.94 -1.06
C PHE A 33 24.90 28.11 -1.94
N ASP A 34 24.72 27.22 -2.92
CA ASP A 34 23.67 27.28 -3.96
C ASP A 34 22.56 26.28 -3.58
N ILE A 35 21.59 26.75 -2.82
CA ILE A 35 20.46 25.90 -2.31
C ILE A 35 19.66 25.35 -3.49
N ASN A 36 19.35 26.18 -4.49
CA ASN A 36 18.50 25.78 -5.63
C ASN A 36 19.22 24.70 -6.45
N GLN A 37 20.54 24.81 -6.60
CA GLN A 37 21.34 23.84 -7.41
C GLN A 37 21.44 22.50 -6.67
N PHE A 38 21.81 22.53 -5.39
CA PHE A 38 22.29 21.32 -4.68
C PHE A 38 21.25 20.76 -3.71
N VAL A 39 20.35 21.58 -3.14
CA VAL A 39 19.42 21.09 -2.09
C VAL A 39 18.02 20.88 -2.70
N ALA A 40 17.44 21.90 -3.34
CA ALA A 40 16.02 21.88 -3.77
C ALA A 40 15.73 20.62 -4.60
N PRO A 41 16.58 20.21 -5.56
CA PRO A 41 16.25 19.09 -6.45
C PRO A 41 16.10 17.75 -5.72
N LEU A 42 16.67 17.63 -4.53
CA LEU A 42 16.57 16.39 -3.76
C LEU A 42 15.19 16.29 -3.11
N LYS A 43 14.41 17.37 -3.03
CA LYS A 43 13.11 17.31 -2.32
C LYS A 43 13.32 16.68 -0.95
N PRO A 44 14.23 17.25 -0.14
CA PRO A 44 14.61 16.63 1.13
C PRO A 44 13.49 16.69 2.19
N ASN A 45 13.62 15.84 3.20
CA ASN A 45 12.63 15.74 4.28
C ASN A 45 13.14 16.53 5.49
N VAL A 46 13.96 15.93 6.34
CA VAL A 46 14.37 16.54 7.64
C VAL A 46 15.89 16.62 7.74
N PHE A 47 16.40 17.77 8.14
CA PHE A 47 17.82 18.01 8.48
C PHE A 47 17.91 18.19 9.99
N THR A 48 18.98 17.69 10.60
CA THR A 48 19.22 17.91 12.03
C THR A 48 20.34 18.93 12.16
N ASN A 49 20.09 19.96 12.95
CA ASN A 49 21.03 21.09 13.11
C ASN A 49 21.11 21.51 14.57
N PRO A 50 22.30 21.97 15.01
CA PRO A 50 22.49 22.42 16.38
C PRO A 50 21.60 23.64 16.68
N ALA A 51 21.10 23.73 17.92
CA ALA A 51 20.25 24.85 18.33
C ALA A 51 21.02 26.13 18.14
N LEU A 52 22.31 26.11 18.52
CA LEU A 52 23.19 27.31 18.45
C LEU A 52 24.55 26.89 17.90
N ALA A 53 25.27 27.86 17.34
CA ALA A 53 26.62 27.60 16.82
C ALA A 53 27.54 28.75 17.22
N GLY A 54 28.80 28.43 17.48
CA GLY A 54 29.86 29.39 17.81
C GLY A 54 30.79 28.90 18.89
N PHE A 55 31.67 29.78 19.37
CA PHE A 55 32.72 29.39 20.34
C PHE A 55 32.13 28.85 21.65
N ASN A 56 30.91 29.22 22.02
CA ASN A 56 30.32 28.79 23.32
C ASN A 56 29.56 27.47 23.14
N HIS A 57 29.55 26.90 21.95
CA HIS A 57 28.62 25.80 21.55
C HIS A 57 29.42 24.62 20.96
N GLN A 58 28.71 23.55 20.60
CA GLN A 58 29.35 22.29 20.14
C GLN A 58 30.20 22.52 18.90
N GLN A 59 29.72 23.29 17.94
CA GLN A 59 30.40 23.54 16.66
C GLN A 59 30.32 25.01 16.29
N PRO A 60 31.26 25.51 15.47
CA PRO A 60 31.23 26.90 15.05
C PRO A 60 30.22 27.23 13.94
N ILE A 61 29.59 26.20 13.35
CA ILE A 61 28.64 26.37 12.22
C ILE A 61 27.38 25.55 12.48
N GLY A 62 26.35 25.81 11.68
CA GLY A 62 25.17 24.92 11.52
C GLY A 62 23.93 25.42 12.24
N ALA A 63 23.91 26.63 12.79
CA ALA A 63 22.79 27.11 13.65
C ALA A 63 21.44 26.81 12.99
N ALA A 64 20.54 26.18 13.73
CA ALA A 64 19.28 25.63 13.18
C ALA A 64 18.40 26.75 12.58
N ILE A 65 18.27 27.87 13.27
CA ILE A 65 17.25 28.87 12.86
C ILE A 65 17.66 29.49 11.53
N PRO A 66 18.88 30.04 11.33
CA PRO A 66 19.26 30.52 10.00
C PRO A 66 19.31 29.42 8.92
N THR A 67 19.63 28.19 9.30
CA THR A 67 19.59 27.05 8.33
C THR A 67 18.15 26.84 7.86
N ALA A 68 17.17 26.87 8.75
CA ALA A 68 15.75 26.70 8.39
C ALA A 68 15.38 27.81 7.40
N GLY A 69 15.85 29.02 7.67
CA GLY A 69 15.61 30.16 6.78
C GLY A 69 16.12 29.93 5.37
N ARG A 70 17.33 29.40 5.24
CA ARG A 70 17.94 29.11 3.92
C ARG A 70 17.15 28.02 3.19
N LEU A 71 16.47 27.14 3.91
CA LEU A 71 15.72 25.98 3.34
C LEU A 71 14.25 26.28 3.08
N LYS A 72 13.77 27.48 3.39
CA LYS A 72 12.31 27.78 3.44
C LYS A 72 11.61 27.56 2.07
N ASN A 73 12.32 27.68 0.95
CA ASN A 73 11.71 27.50 -0.40
C ASN A 73 11.83 26.03 -0.85
N THR A 74 12.52 25.18 -0.07
CA THR A 74 12.69 23.74 -0.38
C THR A 74 11.62 22.97 0.39
N THR A 75 11.56 21.65 0.22
CA THR A 75 10.66 20.79 1.03
C THR A 75 11.26 20.54 2.44
N GLY A 76 12.48 21.01 2.69
CA GLY A 76 13.25 20.60 3.88
C GLY A 76 12.76 21.25 5.17
N LYS A 77 12.82 20.49 6.27
CA LYS A 77 12.49 20.93 7.63
C LYS A 77 13.71 20.68 8.51
N VAL A 78 13.79 21.41 9.61
CA VAL A 78 14.96 21.37 10.51
C VAL A 78 14.53 20.87 11.88
N MET A 79 15.21 19.80 12.34
CA MET A 79 15.13 19.33 13.74
C MET A 79 16.19 20.06 14.55
N ILE A 80 15.79 20.62 15.70
CA ILE A 80 16.72 21.39 16.56
C ILE A 80 17.39 20.46 17.56
N ARG A 81 18.71 20.30 17.44
CA ARG A 81 19.52 19.52 18.41
C ARG A 81 19.92 20.45 19.57
N LEU A 82 19.14 20.39 20.65
CA LEU A 82 19.33 21.28 21.83
C LEU A 82 20.65 20.95 22.54
N ALA A 83 21.11 19.69 22.53
CA ALA A 83 22.34 19.33 23.30
C ALA A 83 23.54 20.18 22.80
N ASP A 84 23.56 20.56 21.51
CA ASP A 84 24.69 21.27 20.87
C ASP A 84 24.78 22.72 21.40
N ILE A 85 23.88 23.14 22.28
CA ILE A 85 24.10 24.35 23.10
C ILE A 85 25.45 24.22 23.80
N PHE A 86 25.80 23.03 24.25
CA PHE A 86 27.04 22.82 25.02
C PHE A 86 28.22 22.41 24.16
N PRO A 87 29.43 22.92 24.50
CA PRO A 87 30.65 22.44 23.90
C PRO A 87 31.17 21.12 24.52
N ARG A 88 32.13 20.52 23.83
CA ARG A 88 32.97 19.36 24.26
C ARG A 88 32.22 18.04 24.08
N TRP A 89 32.98 16.93 24.07
CA TRP A 89 32.45 15.56 23.87
C TRP A 89 32.99 14.64 24.94
N PRO A 90 32.15 14.02 25.80
CA PRO A 90 30.71 14.31 25.85
C PRO A 90 30.39 15.75 26.29
N TYR A 91 29.16 16.16 26.02
CA TYR A 91 28.69 17.55 26.26
C TYR A 91 29.09 18.02 27.65
N GLY A 92 29.64 19.23 27.72
CA GLY A 92 29.91 19.94 28.99
C GLY A 92 28.64 20.47 29.63
N PHE A 93 27.70 19.61 29.97
CA PHE A 93 26.47 19.99 30.69
C PHE A 93 26.87 20.73 31.96
N THR A 94 26.22 21.86 32.22
CA THR A 94 26.47 22.73 33.38
C THR A 94 25.52 22.34 34.52
N ASN A 95 24.32 22.89 34.51
CA ASN A 95 23.29 22.60 35.52
C ASN A 95 21.90 22.87 34.93
N MET A 96 20.87 22.39 35.58
CA MET A 96 19.49 22.51 35.03
C MET A 96 19.08 23.99 34.89
N ASN A 97 19.50 24.88 35.80
CA ASN A 97 19.14 26.32 35.69
C ASN A 97 19.72 26.87 34.39
N ASP A 98 21.00 26.62 34.16
CA ASP A 98 21.74 27.16 32.98
C ASP A 98 21.09 26.60 31.71
N TRP A 99 20.91 25.28 31.67
CA TRP A 99 20.32 24.55 30.51
C TRP A 99 18.94 25.11 30.17
N LEU A 100 18.02 25.16 31.13
CA LEU A 100 16.63 25.57 30.86
C LEU A 100 16.62 27.04 30.41
N GLY A 101 17.53 27.87 30.91
CA GLY A 101 17.59 29.26 30.43
C GLY A 101 18.01 29.29 28.97
N LYS A 102 18.99 28.47 28.60
CA LYS A 102 19.50 28.44 27.22
C LYS A 102 18.41 27.86 26.30
N VAL A 103 17.70 26.83 26.74
CA VAL A 103 16.64 26.21 25.92
C VAL A 103 15.54 27.25 25.73
N THR A 104 15.17 27.97 26.79
CA THR A 104 14.18 29.08 26.72
C THR A 104 14.60 30.04 25.62
N SER A 105 15.86 30.47 25.61
N SER A 105 15.87 30.46 25.60
CA SER A 105 16.37 31.43 24.60
CA SER A 105 16.38 31.46 24.61
C SER A 105 16.17 30.85 23.20
C SER A 105 16.27 30.89 23.19
N VAL A 106 16.55 29.59 23.03
CA VAL A 106 16.40 28.93 21.70
C VAL A 106 14.93 28.94 21.28
N ILE A 107 14.02 28.55 22.17
CA ILE A 107 12.57 28.46 21.82
C ILE A 107 12.11 29.86 21.41
N ASN A 108 12.48 30.89 22.17
CA ASN A 108 12.15 32.31 21.81
C ASN A 108 12.68 32.65 20.41
N GLN A 109 13.93 32.33 20.09
CA GLN A 109 14.56 32.65 18.79
C GLN A 109 13.88 31.87 17.67
N LYS A 110 13.49 30.62 17.94
CA LYS A 110 12.82 29.78 16.94
C LYS A 110 11.46 30.39 16.59
N LYS A 111 10.67 30.70 17.60
CA LYS A 111 9.35 31.33 17.41
C LYS A 111 9.49 32.70 16.73
N ALA A 112 10.46 33.50 17.16
CA ALA A 112 10.65 34.88 16.64
C ALA A 112 11.04 34.88 15.16
N SER A 113 11.74 33.84 14.68
CA SER A 113 12.25 33.77 13.30
C SER A 113 11.08 33.88 12.31
N GLY A 114 9.91 33.41 12.71
CA GLY A 114 8.73 33.28 11.85
C GLY A 114 8.83 32.12 10.87
N TYR A 115 9.96 31.41 10.77
CA TYR A 115 10.06 30.27 9.81
C TYR A 115 9.13 29.14 10.26
N SER A 116 8.50 28.48 9.28
CA SER A 116 7.47 27.44 9.53
C SER A 116 7.96 26.04 9.18
N ASN A 117 9.26 25.84 9.00
CA ASN A 117 9.82 24.56 8.52
C ASN A 117 10.68 23.91 9.62
N PHE A 118 10.24 23.97 10.87
CA PHE A 118 10.87 23.23 11.98
C PHE A 118 10.16 21.89 12.16
N TYR A 119 10.94 20.85 12.32
CA TYR A 119 10.43 19.49 12.62
C TYR A 119 10.15 19.31 14.10
N GLY A 120 10.89 19.98 14.96
CA GLY A 120 10.68 19.91 16.41
C GLY A 120 12.00 19.98 17.14
N TYR A 121 11.95 19.73 18.44
CA TYR A 121 13.09 19.83 19.36
C TYR A 121 13.58 18.43 19.74
N GLU A 122 14.88 18.20 19.56
CA GLU A 122 15.57 17.01 20.12
C GLU A 122 16.12 17.42 21.49
N ILE A 123 15.58 16.86 22.57
CA ILE A 123 15.96 17.29 23.95
C ILE A 123 17.44 16.98 24.20
N TRP A 124 17.93 15.80 23.80
CA TRP A 124 19.32 15.39 24.05
C TRP A 124 19.78 14.43 22.97
N ASN A 125 21.09 14.33 22.87
CA ASN A 125 21.78 13.56 21.82
C ASN A 125 22.61 12.45 22.48
N GLU A 126 22.24 11.22 22.18
CA GLU A 126 22.98 10.01 22.63
C GLU A 126 23.18 9.99 24.15
N PRO A 127 22.10 10.16 24.96
CA PRO A 127 22.24 10.23 26.42
C PRO A 127 22.80 8.94 27.02
N ASP A 128 22.61 7.82 26.30
CA ASP A 128 23.18 6.51 26.67
C ASP A 128 24.70 6.60 26.76
N GLY A 129 25.32 7.44 25.95
CA GLY A 129 26.77 7.67 25.93
C GLY A 129 27.19 9.00 26.56
N THR A 130 26.34 10.04 26.54
CA THR A 130 26.79 11.42 26.79
C THR A 130 26.18 12.04 28.05
N PHE A 131 25.28 11.37 28.76
CA PHE A 131 24.60 11.99 29.92
C PHE A 131 24.89 11.16 31.18
N LYS A 132 26.09 11.32 31.76
CA LYS A 132 26.50 10.66 33.04
C LYS A 132 27.19 11.67 33.96
N ASN A 133 27.08 11.48 35.28
CA ASN A 133 27.78 12.31 36.30
C ASN A 133 27.46 13.79 36.07
N ASN A 134 26.18 14.10 35.88
CA ASN A 134 25.73 15.47 35.56
C ASN A 134 24.94 16.09 36.72
N ASN A 135 24.88 15.39 37.87
CA ASN A 135 24.23 15.87 39.12
C ASN A 135 22.70 15.91 38.96
N VAL A 136 22.19 15.55 37.78
CA VAL A 136 20.74 15.31 37.55
C VAL A 136 20.71 14.05 36.69
N SER A 137 19.72 13.21 36.88
CA SER A 137 19.50 12.02 36.03
C SER A 137 19.05 12.47 34.63
N PHE A 138 19.36 11.69 33.60
CA PHE A 138 18.80 11.91 32.24
C PHE A 138 17.28 11.99 32.33
N ASN A 139 16.60 11.08 33.00
CA ASN A 139 15.11 11.10 33.08
C ASN A 139 14.61 12.45 33.62
N ASP A 140 15.24 12.94 34.69
CA ASP A 140 14.81 14.18 35.36
C ASP A 140 15.07 15.37 34.44
N MET A 141 16.21 15.38 33.75
CA MET A 141 16.52 16.48 32.81
C MET A 141 15.46 16.43 31.69
N TRP A 142 15.16 15.23 31.21
CA TRP A 142 14.17 15.03 30.11
C TRP A 142 12.81 15.61 30.55
N LEU A 143 12.31 15.18 31.69
CA LEU A 143 10.98 15.64 32.16
C LEU A 143 10.96 17.17 32.25
N GLN A 144 11.96 17.78 32.86
CA GLN A 144 11.92 19.23 33.11
C GLN A 144 12.01 19.97 31.77
N THR A 145 12.79 19.47 30.83
CA THR A 145 12.98 20.12 29.51
C THR A 145 11.68 19.95 28.71
N TYR A 146 11.09 18.77 28.81
CA TYR A 146 9.82 18.42 28.11
C TYR A 146 8.72 19.38 28.55
N LYS A 147 8.61 19.62 29.86
CA LYS A 147 7.57 20.53 30.41
C LYS A 147 7.80 21.97 29.89
N LEU A 148 9.05 22.43 29.86
CA LEU A 148 9.39 23.76 29.34
C LEU A 148 8.93 23.88 27.89
N ILE A 149 9.30 22.93 27.04
CA ILE A 149 8.94 22.98 25.59
C ILE A 149 7.42 22.95 25.44
N ARG A 150 6.73 22.11 26.21
CA ARG A 150 5.25 22.04 26.15
C ARG A 150 4.66 23.40 26.56
N ARG A 151 5.26 24.08 27.53
CA ARG A 151 4.74 25.39 28.03
C ARG A 151 4.97 26.48 26.97
N LEU A 152 6.16 26.56 26.38
CA LEU A 152 6.54 27.71 25.52
C LEU A 152 6.29 27.45 24.03
N ASP A 153 6.17 26.19 23.60
CA ASP A 153 5.98 25.84 22.17
C ASP A 153 5.13 24.57 22.09
N PRO A 154 3.85 24.64 22.54
CA PRO A 154 3.02 23.44 22.68
C PRO A 154 2.73 22.65 21.38
N ASN A 155 2.76 23.30 20.22
CA ASN A 155 2.42 22.64 18.94
C ASN A 155 3.65 22.00 18.30
N SER A 156 4.82 22.11 18.93
CA SER A 156 6.07 21.55 18.34
C SER A 156 6.21 20.08 18.71
N GLN A 157 6.89 19.31 17.86
CA GLN A 157 7.22 17.90 18.18
C GLN A 157 8.43 17.87 19.11
N ILE A 158 8.42 16.91 20.03
CA ILE A 158 9.56 16.58 20.92
C ILE A 158 10.11 15.24 20.51
N ILE A 159 11.40 15.19 20.24
CA ILE A 159 12.09 14.02 19.63
C ILE A 159 13.09 13.45 20.64
N GLY A 160 13.07 12.14 20.85
CA GLY A 160 14.13 11.47 21.62
C GLY A 160 13.83 10.00 21.83
N PRO A 161 14.70 9.26 22.55
CA PRO A 161 15.84 9.87 23.27
C PRO A 161 17.15 10.01 22.48
N SER A 162 17.15 9.62 21.20
CA SER A 162 18.30 9.77 20.28
C SER A 162 19.50 8.96 20.77
N TYR A 163 19.31 7.71 21.15
CA TYR A 163 20.43 6.87 21.60
C TYR A 163 21.48 6.68 20.52
N SER A 164 22.72 6.49 20.97
CA SER A 164 23.88 6.09 20.17
CA SER A 164 23.86 6.12 20.10
C SER A 164 23.52 4.84 19.34
N TYR A 165 22.89 3.88 20.01
CA TYR A 165 22.40 2.59 19.46
C TYR A 165 21.04 2.29 20.06
N TYR A 166 20.17 1.67 19.27
CA TYR A 166 18.96 1.06 19.84
C TYR A 166 19.38 0.01 20.88
N ASN A 167 18.73 0.06 22.04
CA ASN A 167 18.87 -1.00 23.04
C ASN A 167 17.51 -1.19 23.68
N HIS A 168 17.01 -2.41 23.68
CA HIS A 168 15.69 -2.75 24.22
C HIS A 168 15.58 -2.29 25.68
N TYR A 169 16.60 -2.57 26.47
CA TYR A 169 16.55 -2.38 27.94
C TYR A 169 16.57 -0.88 28.25
N ASN A 170 17.45 -0.13 27.57
CA ASN A 170 17.46 1.34 27.73
C ASN A 170 16.10 1.87 27.34
N MET A 171 15.61 1.50 26.16
CA MET A 171 14.35 2.06 25.63
C MET A 171 13.19 1.67 26.57
N ASN A 172 13.18 0.45 27.12
CA ASN A 172 12.12 0.02 28.07
C ASN A 172 12.11 0.94 29.31
N ALA A 173 13.27 1.16 29.93
CA ALA A 173 13.45 2.03 31.13
C ALA A 173 12.95 3.45 30.83
N PHE A 174 13.31 3.98 29.67
CA PHE A 174 12.96 5.36 29.25
C PHE A 174 11.46 5.47 29.04
N LEU A 175 10.85 4.57 28.27
CA LEU A 175 9.42 4.66 27.93
C LEU A 175 8.59 4.42 29.19
N ASN A 176 9.05 3.53 30.07
CA ASN A 176 8.39 3.29 31.37
C ASN A 176 8.37 4.59 32.18
N PHE A 177 9.51 5.29 32.25
CA PHE A 177 9.60 6.60 32.95
C PHE A 177 8.65 7.59 32.28
N CYS A 178 8.70 7.68 30.96
CA CYS A 178 7.91 8.66 30.17
C CYS A 178 6.42 8.39 30.37
N ARG A 179 6.01 7.13 30.37
CA ARG A 179 4.58 6.77 30.51
C ARG A 179 4.11 7.17 31.92
N ALA A 180 4.89 6.82 32.94
CA ALA A 180 4.63 7.16 34.37
C ALA A 180 4.50 8.68 34.56
N ASN A 181 5.23 9.50 33.80
CA ASN A 181 5.35 10.95 34.04
C ASN A 181 4.73 11.80 32.93
N ASN A 182 3.98 11.18 32.02
N ASN A 182 3.94 11.21 32.04
CA ASN A 182 3.24 11.88 30.92
CA ASN A 182 3.25 11.91 30.91
C ASN A 182 4.20 12.71 30.07
C ASN A 182 4.29 12.80 30.20
N CYS A 183 5.41 12.20 29.78
CA CYS A 183 6.43 12.93 28.97
C CYS A 183 6.93 12.03 27.83
N LEU A 184 6.04 11.32 27.14
CA LEU A 184 6.45 10.50 25.98
C LEU A 184 6.84 11.45 24.85
N PRO A 185 7.93 11.13 24.14
CA PRO A 185 8.26 11.86 22.92
C PRO A 185 7.14 11.73 21.89
N ASP A 186 6.95 12.78 21.09
CA ASP A 186 6.06 12.72 19.90
C ASP A 186 6.73 11.82 18.83
N VAL A 187 8.05 11.84 18.78
CA VAL A 187 8.82 11.06 17.78
C VAL A 187 9.92 10.31 18.51
N ILE A 188 9.91 8.99 18.45
CA ILE A 188 10.94 8.16 19.10
C ILE A 188 12.12 8.04 18.16
N CYS A 189 13.32 8.21 18.68
CA CYS A 189 14.52 8.42 17.83
C CYS A 189 15.72 7.64 18.39
N TRP A 190 16.53 7.04 17.51
CA TRP A 190 17.87 6.53 17.83
C TRP A 190 18.70 6.56 16.58
N HIS A 191 19.96 6.19 16.71
CA HIS A 191 20.93 6.26 15.60
C HIS A 191 21.22 4.87 15.10
N GLU A 192 21.50 4.76 13.82
CA GLU A 192 21.94 3.49 13.20
C GLU A 192 23.27 3.77 12.50
N LEU A 193 24.35 3.83 13.28
CA LEU A 193 25.71 4.14 12.81
C LEU A 193 26.59 2.89 12.75
N GLY A 194 26.00 1.72 12.93
CA GLY A 194 26.75 0.45 12.88
C GLY A 194 26.38 -0.39 11.66
N GLY A 195 25.86 0.21 10.59
CA GLY A 195 25.37 -0.53 9.41
C GLY A 195 23.86 -0.73 9.45
N SER A 196 23.35 -1.31 8.38
CA SER A 196 21.90 -1.41 8.11
C SER A 196 21.28 -2.72 8.60
N GLN A 197 22.09 -3.66 9.09
CA GLN A 197 21.69 -5.09 9.25
C GLN A 197 20.73 -5.28 10.42
N ASN A 198 20.58 -4.32 11.33
CA ASN A 198 19.71 -4.48 12.53
C ASN A 198 18.51 -3.53 12.51
N ILE A 199 18.36 -2.66 11.49
CA ILE A 199 17.30 -1.62 11.48
C ILE A 199 15.95 -2.29 11.66
N SER A 200 15.64 -3.27 10.82
CA SER A 200 14.28 -3.84 10.77
C SER A 200 13.97 -4.51 12.11
N GLY A 201 14.92 -5.25 12.65
CA GLY A 201 14.73 -5.85 13.97
C GLY A 201 14.54 -4.82 15.08
N ASN A 202 15.30 -3.73 15.03
CA ASN A 202 15.23 -2.70 16.09
C ASN A 202 13.85 -2.05 16.04
N ILE A 203 13.36 -1.74 14.83
CA ILE A 203 12.04 -1.07 14.68
C ILE A 203 10.95 -2.04 15.16
N ARG A 204 11.04 -3.30 14.78
CA ARG A 204 10.08 -4.34 15.26
CA ARG A 204 10.06 -4.32 15.26
C ARG A 204 10.10 -4.36 16.78
N ASP A 205 11.31 -4.34 17.36
CA ASP A 205 11.46 -4.41 18.84
C ASP A 205 10.74 -3.22 19.47
N LEU A 206 10.97 -2.01 18.93
CA LEU A 206 10.36 -0.80 19.49
C LEU A 206 8.83 -0.93 19.42
N LYS A 207 8.28 -1.35 18.29
CA LYS A 207 6.80 -1.41 18.12
C LYS A 207 6.23 -2.43 19.12
N THR A 208 6.89 -3.58 19.25
CA THR A 208 6.46 -4.60 20.23
C THR A 208 6.50 -4.02 21.66
N LEU A 209 7.57 -3.30 21.98
CA LEU A 209 7.69 -2.64 23.30
C LEU A 209 6.56 -1.62 23.52
N GLU A 210 6.24 -0.78 22.53
CA GLU A 210 5.16 0.22 22.70
C GLU A 210 3.86 -0.53 23.03
N ARG A 211 3.54 -1.56 22.25
CA ARG A 211 2.28 -2.32 22.49
C ARG A 211 2.32 -2.90 23.91
N SER A 212 3.47 -3.39 24.32
CA SER A 212 3.65 -4.01 25.65
C SER A 212 3.33 -2.99 26.76
N LEU A 213 3.63 -1.70 26.58
CA LEU A 213 3.44 -0.65 27.62
C LEU A 213 2.14 0.08 27.37
N GLY A 214 1.42 -0.25 26.30
CA GLY A 214 0.14 0.39 25.93
C GLY A 214 0.37 1.82 25.49
N ILE A 215 1.50 2.05 24.82
CA ILE A 215 1.81 3.39 24.27
C ILE A 215 1.29 3.39 22.85
N PRO A 216 0.41 4.35 22.47
CA PRO A 216 0.03 4.50 21.06
C PRO A 216 1.27 4.70 20.17
N GLU A 217 1.29 4.00 19.06
CA GLU A 217 2.45 3.88 18.14
C GLU A 217 2.93 5.28 17.78
N ARG A 218 4.21 5.54 18.02
CA ARG A 218 4.80 6.86 17.73
C ARG A 218 5.49 6.84 16.35
N LYS A 219 5.54 8.01 15.74
CA LYS A 219 6.48 8.33 14.65
C LYS A 219 7.90 7.97 15.09
N ILE A 220 8.71 7.50 14.16
CA ILE A 220 10.14 7.13 14.35
C ILE A 220 11.01 8.06 13.52
N ALA A 221 12.09 8.57 14.15
CA ALA A 221 13.17 9.32 13.48
C ALA A 221 14.48 8.58 13.72
N ILE A 222 15.22 8.33 12.66
CA ILE A 222 16.59 7.79 12.76
C ILE A 222 17.55 8.90 12.34
N ASN A 223 17.85 9.83 13.25
CA ASN A 223 18.42 11.13 12.82
C ASN A 223 19.94 11.10 12.68
N GLU A 224 20.58 9.94 12.76
CA GLU A 224 21.94 9.71 12.21
C GLU A 224 22.02 8.28 11.68
N TYR A 225 22.40 8.07 10.42
CA TYR A 225 22.59 6.71 9.90
C TYR A 225 23.81 6.65 9.02
N SER A 226 24.56 5.56 9.14
N SER A 226 24.52 5.53 9.11
CA SER A 226 25.70 5.26 8.24
CA SER A 226 25.72 5.29 8.28
C SER A 226 26.15 3.83 8.45
C SER A 226 26.18 3.85 8.46
N ASP A 227 26.85 3.34 7.43
CA ASP A 227 27.72 2.14 7.55
C ASP A 227 28.71 2.37 8.70
N SER A 228 29.25 1.31 9.31
CA SER A 228 30.39 1.42 10.26
C SER A 228 31.59 2.09 9.60
N ASN A 229 31.79 1.89 8.29
CA ASN A 229 32.91 2.51 7.55
C ASN A 229 32.51 3.95 7.22
N HIS A 230 33.10 4.94 7.89
CA HIS A 230 32.70 6.37 7.75
C HIS A 230 33.00 6.87 6.32
N TYR A 231 33.90 6.21 5.60
CA TYR A 231 34.19 6.56 4.19
C TYR A 231 32.97 6.27 3.32
N ALA A 232 32.04 5.43 3.77
CA ALA A 232 30.83 5.01 3.01
C ALA A 232 29.62 5.90 3.32
N GLU A 233 29.76 6.88 4.18
CA GLU A 233 28.72 7.93 4.34
C GLU A 233 28.37 8.51 2.97
N GLY A 234 27.09 8.61 2.61
CA GLY A 234 26.69 9.18 1.32
C GLY A 234 27.03 8.28 0.13
N GLN A 235 27.54 7.06 0.36
CA GLN A 235 27.86 6.14 -0.76
C GLN A 235 26.56 5.53 -1.26
N PRO A 236 26.26 5.50 -2.58
CA PRO A 236 24.98 4.96 -3.05
C PRO A 236 24.70 3.53 -2.60
N GLY A 237 25.65 2.61 -2.80
CA GLY A 237 25.45 1.20 -2.44
C GLY A 237 25.18 1.02 -0.96
N ALA A 238 26.06 1.53 -0.11
CA ALA A 238 25.89 1.43 1.36
C ALA A 238 24.59 2.11 1.81
N SER A 239 24.19 3.19 1.13
CA SER A 239 23.01 4.00 1.56
C SER A 239 21.71 3.25 1.21
N ALA A 240 21.66 2.53 0.10
CA ALA A 240 20.35 2.01 -0.37
C ALA A 240 19.67 1.12 0.68
N PRO A 241 20.34 0.18 1.36
CA PRO A 241 19.64 -0.65 2.34
C PRO A 241 19.08 0.16 3.52
N PHE A 242 19.74 1.24 3.90
CA PHE A 242 19.20 2.14 4.95
C PHE A 242 17.85 2.68 4.49
N ILE A 243 17.86 3.35 3.35
CA ILE A 243 16.65 3.99 2.78
C ILE A 243 15.55 2.93 2.62
N ALA A 244 15.92 1.78 2.06
CA ALA A 244 14.98 0.66 1.82
C ALA A 244 14.27 0.26 3.11
N LYS A 245 15.04 0.12 4.18
CA LYS A 245 14.51 -0.37 5.47
C LYS A 245 13.66 0.73 6.14
N PHE A 246 14.10 1.99 6.02
CA PHE A 246 13.34 3.14 6.58
C PHE A 246 11.99 3.21 5.84
N GLU A 247 12.00 3.06 4.52
CA GLU A 247 10.76 3.15 3.72
C GLU A 247 9.89 1.94 4.07
N ARG A 248 10.47 0.75 4.15
CA ARG A 248 9.68 -0.49 4.40
C ARG A 248 8.96 -0.37 5.74
N ASN A 249 9.61 0.22 6.74
CA ASN A 249 9.07 0.36 8.12
C ASN A 249 8.34 1.69 8.33
N LYS A 250 8.14 2.49 7.28
N LYS A 250 8.19 2.50 7.29
CA LYS A 250 7.36 3.75 7.28
CA LYS A 250 7.37 3.75 7.28
C LYS A 250 7.92 4.70 8.35
C LYS A 250 7.93 4.70 8.34
N VAL A 251 9.25 4.79 8.40
CA VAL A 251 9.97 5.72 9.30
C VAL A 251 9.57 7.15 8.92
N ASP A 252 9.31 7.98 9.91
CA ASP A 252 8.84 9.39 9.68
C ASP A 252 9.99 10.18 9.06
N SER A 253 11.19 10.04 9.59
CA SER A 253 12.38 10.76 9.04
C SER A 253 13.65 10.02 9.41
N ALA A 254 14.66 10.18 8.56
CA ALA A 254 16.02 9.69 8.84
C ALA A 254 17.04 10.68 8.25
N CYS A 255 18.14 10.89 8.95
CA CYS A 255 19.21 11.83 8.54
C CYS A 255 20.54 11.10 8.46
N ILE A 256 21.28 11.35 7.37
CA ILE A 256 22.67 10.85 7.19
C ILE A 256 23.51 11.43 8.34
N SER A 257 24.49 10.63 8.79
CA SER A 257 25.55 11.00 9.74
C SER A 257 26.33 12.23 9.27
N TRP A 258 27.15 12.72 10.18
CA TRP A 258 28.14 13.77 9.93
C TRP A 258 29.48 13.33 10.52
N TRP A 259 30.19 12.45 9.81
CA TRP A 259 31.48 11.89 10.30
C TRP A 259 32.61 12.85 9.97
N TRP A 260 32.46 13.69 8.94
CA TRP A 260 33.59 14.47 8.38
C TRP A 260 33.43 15.94 8.81
N THR A 261 33.91 16.21 10.03
CA THR A 261 33.57 17.48 10.73
CA THR A 261 33.71 17.47 10.80
C THR A 261 34.32 18.66 10.05
N ASN A 262 35.29 18.41 9.19
CA ASN A 262 35.94 19.51 8.42
C ASN A 262 35.10 19.83 7.17
N ALA A 263 34.03 19.06 6.91
CA ALA A 263 33.19 19.19 5.69
C ALA A 263 31.72 19.24 6.06
N PRO A 264 31.30 20.20 6.89
CA PRO A 264 29.87 20.41 7.13
C PRO A 264 29.25 20.87 5.81
N GLY A 265 27.94 20.66 5.68
CA GLY A 265 27.20 21.32 4.59
C GLY A 265 27.32 20.59 3.27
N ARG A 266 27.62 19.27 3.28
CA ARG A 266 27.71 18.47 2.03
C ARG A 266 26.57 17.45 1.96
N LEU A 267 25.47 17.72 2.65
CA LEU A 267 24.20 16.98 2.51
C LEU A 267 24.39 15.51 2.92
N GLY A 268 25.35 15.24 3.80
CA GLY A 268 25.64 13.85 4.21
C GLY A 268 26.62 13.19 3.24
N SER A 269 27.67 13.89 2.87
CA SER A 269 28.67 13.38 1.89
C SER A 269 28.00 13.06 0.54
N LEU A 270 26.86 13.67 0.23
CA LEU A 270 26.28 13.59 -1.13
C LEU A 270 27.06 14.49 -2.08
N MET A 271 27.60 15.61 -1.56
N MET A 271 27.60 15.62 -1.59
CA MET A 271 28.52 16.50 -2.28
CA MET A 271 28.51 16.47 -2.40
C MET A 271 29.96 15.97 -2.09
C MET A 271 29.95 16.06 -2.09
N ALA A 272 30.76 15.97 -3.15
CA ALA A 272 32.18 15.59 -3.16
C ALA A 272 33.07 16.72 -2.60
N SER A 273 32.58 17.96 -2.73
CA SER A 273 33.27 19.20 -2.31
C SER A 273 32.19 20.24 -2.03
N ASP A 274 32.56 21.50 -1.78
CA ASP A 274 31.56 22.58 -1.62
C ASP A 274 31.10 23.11 -2.98
N THR A 275 31.65 22.60 -4.09
CA THR A 275 31.28 23.08 -5.44
C THR A 275 30.77 21.95 -6.33
N GLN A 276 30.86 20.69 -5.91
CA GLN A 276 30.58 19.58 -6.85
C GLN A 276 29.76 18.48 -6.18
N LYS A 277 28.87 17.93 -6.98
CA LYS A 277 28.16 16.69 -6.64
C LYS A 277 29.11 15.49 -6.55
N GLY A 278 28.79 14.57 -5.62
CA GLY A 278 29.38 13.23 -5.56
C GLY A 278 28.36 12.19 -6.02
N ALA A 279 28.78 10.95 -6.09
CA ALA A 279 27.91 9.82 -6.51
C ALA A 279 26.58 9.83 -5.75
N GLY A 280 26.61 9.94 -4.43
CA GLY A 280 25.37 9.88 -3.63
C GLY A 280 24.36 10.94 -4.02
N TRP A 281 24.80 12.12 -4.44
CA TRP A 281 23.83 13.19 -4.82
C TRP A 281 22.90 12.62 -5.90
N TRP A 282 23.47 11.96 -6.92
CA TRP A 282 22.70 11.49 -8.09
C TRP A 282 21.73 10.40 -7.64
N PHE A 283 22.16 9.59 -6.70
CA PHE A 283 21.27 8.51 -6.19
C PHE A 283 20.10 9.12 -5.40
N TYR A 284 20.40 10.07 -4.52
CA TYR A 284 19.35 10.79 -3.76
C TYR A 284 18.51 11.69 -4.69
N LYS A 285 19.05 12.16 -5.81
CA LYS A 285 18.22 12.91 -6.78
C LYS A 285 17.14 11.97 -7.33
N TRP A 286 17.51 10.76 -7.74
CA TRP A 286 16.50 9.77 -8.18
C TRP A 286 15.45 9.55 -7.10
N TYR A 287 15.88 9.46 -5.85
CA TYR A 287 14.96 9.29 -4.70
C TYR A 287 14.00 10.50 -4.64
N GLY A 288 14.54 11.72 -4.78
CA GLY A 288 13.70 12.94 -4.72
C GLY A 288 12.72 12.99 -5.89
N ASP A 289 13.08 12.39 -7.01
CA ASP A 289 12.22 12.35 -8.23
C ASP A 289 11.00 11.46 -8.00
N MET A 290 11.07 10.53 -7.04
CA MET A 290 9.96 9.56 -6.79
C MET A 290 8.69 10.33 -6.45
N THR A 291 7.57 9.87 -7.01
CA THR A 291 6.22 10.46 -6.84
C THR A 291 5.23 9.32 -6.73
N GLY A 292 4.05 9.60 -6.23
CA GLY A 292 2.97 8.61 -6.12
C GLY A 292 3.03 7.95 -4.76
N ASN A 293 2.98 6.61 -4.73
CA ASN A 293 2.99 5.80 -3.50
C ASN A 293 4.26 4.96 -3.45
N MET A 294 4.83 4.81 -2.25
CA MET A 294 5.87 3.78 -2.02
C MET A 294 5.17 2.42 -1.95
N VAL A 295 5.81 1.38 -2.46
CA VAL A 295 5.30 -0.01 -2.40
C VAL A 295 6.36 -0.89 -1.78
N ASN A 296 5.91 -2.00 -1.21
CA ASN A 296 6.80 -2.91 -0.48
C ASN A 296 7.79 -3.52 -1.46
N VAL A 297 9.02 -3.62 -0.99
CA VAL A 297 10.11 -4.40 -1.64
C VAL A 297 10.53 -5.51 -0.68
N ILE A 298 10.48 -6.74 -1.16
CA ILE A 298 10.92 -7.92 -0.39
C ILE A 298 12.41 -8.09 -0.64
N PRO A 299 13.25 -7.84 0.40
CA PRO A 299 14.69 -7.90 0.27
C PRO A 299 15.22 -9.33 0.18
N GLN A 300 16.42 -9.47 -0.38
CA GLN A 300 17.21 -10.72 -0.32
C GLN A 300 17.22 -11.24 1.13
N ASN A 301 17.58 -10.34 2.07
N ASN A 301 17.58 -10.38 2.10
CA ASN A 301 17.62 -10.67 3.51
CA ASN A 301 17.56 -10.73 3.54
C ASN A 301 17.51 -9.40 4.34
C ASN A 301 17.52 -9.45 4.37
N ASP A 302 16.38 -9.15 5.01
CA ASP A 302 16.15 -7.86 5.69
C ASP A 302 17.19 -7.61 6.80
N ASN A 303 17.63 -8.70 7.45
CA ASN A 303 18.57 -8.67 8.59
C ASN A 303 20.00 -8.79 8.07
N SER A 304 20.37 -7.94 7.11
CA SER A 304 21.71 -7.99 6.48
C SER A 304 22.00 -6.62 5.87
N ASN A 305 23.21 -6.47 5.36
CA ASN A 305 23.59 -5.28 4.57
C ASN A 305 23.60 -5.66 3.07
N LEU A 306 22.94 -6.77 2.69
CA LEU A 306 22.89 -7.16 1.28
C LEU A 306 21.98 -6.17 0.54
N ALA A 307 22.09 -6.18 -0.77
CA ALA A 307 21.37 -5.26 -1.66
C ALA A 307 19.89 -5.28 -1.27
N ASP A 308 19.29 -4.10 -1.30
CA ASP A 308 17.91 -3.88 -0.88
C ASP A 308 17.41 -2.69 -1.71
N GLY A 309 16.12 -2.51 -1.77
CA GLY A 309 15.59 -1.43 -2.60
C GLY A 309 14.30 -0.85 -2.07
N PHE A 310 13.93 0.26 -2.68
CA PHE A 310 12.70 1.01 -2.37
C PHE A 310 12.10 1.42 -3.72
N ALA A 311 10.78 1.49 -3.75
CA ALA A 311 10.06 1.60 -5.04
C ALA A 311 8.82 2.44 -4.87
N CYS A 312 8.52 3.18 -5.94
CA CYS A 312 7.28 3.97 -6.07
C CYS A 312 6.55 3.55 -7.34
N VAL A 313 5.23 3.72 -7.24
CA VAL A 313 4.27 3.51 -8.35
C VAL A 313 3.47 4.79 -8.44
N ASP A 314 3.53 5.43 -9.60
CA ASP A 314 2.78 6.68 -9.90
C ASP A 314 1.77 6.39 -11.00
N SER A 315 0.49 6.29 -10.67
N SER A 315 0.49 6.34 -10.62
CA SER A 315 -0.59 5.99 -11.66
CA SER A 315 -0.68 6.02 -11.49
C SER A 315 -0.94 7.24 -12.48
C SER A 315 -1.20 7.27 -12.21
N ASN A 316 -0.56 8.43 -12.00
CA ASN A 316 -0.87 9.69 -12.71
C ASN A 316 0.19 9.83 -13.79
N ALA A 317 1.49 9.82 -13.44
CA ALA A 317 2.59 9.91 -14.42
C ALA A 317 2.79 8.56 -15.12
N LYS A 318 2.22 7.47 -14.60
CA LYS A 318 2.28 6.10 -15.18
C LYS A 318 3.72 5.60 -15.25
N TYR A 319 4.34 5.44 -14.09
CA TYR A 319 5.64 4.74 -14.08
C TYR A 319 5.83 3.99 -12.77
N ILE A 320 6.83 3.13 -12.81
CA ILE A 320 7.37 2.47 -11.60
C ILE A 320 8.86 2.82 -11.53
N SER A 321 9.32 3.23 -10.36
CA SER A 321 10.76 3.44 -10.16
C SER A 321 11.25 2.60 -8.97
N VAL A 322 12.34 1.86 -9.18
CA VAL A 322 12.99 1.01 -8.16
C VAL A 322 14.42 1.50 -8.02
N LEU A 323 14.81 1.85 -6.81
CA LEU A 323 16.18 2.27 -6.43
C LEU A 323 16.78 1.23 -5.50
N LEU A 324 18.04 0.88 -5.73
CA LEU A 324 18.64 -0.24 -5.00
C LEU A 324 20.16 -0.17 -5.00
N GLY A 325 20.73 -0.95 -4.09
CA GLY A 325 22.19 -1.02 -3.90
C GLY A 325 22.50 -1.83 -2.69
N GLY A 326 23.76 -2.23 -2.56
CA GLY A 326 24.23 -2.88 -1.34
C GLY A 326 24.96 -4.14 -1.72
N VAL A 327 25.33 -4.95 -0.74
CA VAL A 327 26.30 -6.06 -0.99
C VAL A 327 25.58 -7.10 -1.86
N ASN A 328 26.25 -7.59 -2.88
CA ASN A 328 25.63 -8.57 -3.79
C ASN A 328 26.72 -9.46 -4.40
N ASP A 329 26.28 -10.48 -5.12
CA ASP A 329 27.20 -11.51 -5.64
C ASP A 329 27.62 -11.21 -7.08
N GLY A 330 27.39 -10.00 -7.60
CA GLY A 330 27.87 -9.58 -8.94
C GLY A 330 26.76 -9.50 -9.96
N THR A 331 25.57 -9.99 -9.61
CA THR A 331 24.34 -9.82 -10.41
C THR A 331 23.24 -9.39 -9.45
N VAL A 332 22.37 -8.47 -9.87
CA VAL A 332 21.16 -8.17 -9.05
C VAL A 332 19.93 -8.37 -9.92
N ASN A 333 19.02 -9.22 -9.45
CA ASN A 333 17.71 -9.47 -10.13
C ASN A 333 16.62 -8.66 -9.42
N VAL A 334 15.83 -7.94 -10.20
CA VAL A 334 14.71 -7.13 -9.65
C VAL A 334 13.45 -7.70 -10.28
N ASN A 335 12.67 -8.42 -9.50
CA ASN A 335 11.39 -9.00 -9.97
C ASN A 335 10.28 -8.05 -9.57
N ILE A 336 9.55 -7.54 -10.55
CA ILE A 336 8.44 -6.60 -10.28
C ILE A 336 7.14 -7.36 -10.50
N LYS A 337 6.31 -7.46 -9.48
CA LYS A 337 5.06 -8.26 -9.55
C LYS A 337 3.82 -7.42 -9.28
N ASN A 338 2.65 -7.99 -9.56
CA ASN A 338 1.35 -7.32 -9.38
C ASN A 338 1.39 -5.99 -10.14
N ILE A 339 1.96 -5.98 -11.33
CA ILE A 339 2.12 -4.74 -12.14
C ILE A 339 0.73 -4.25 -12.54
N PRO A 340 0.48 -2.94 -12.35
CA PRO A 340 -0.77 -2.33 -12.76
C PRO A 340 -1.04 -2.51 -14.26
N ALA A 341 -2.32 -2.65 -14.60
CA ALA A 341 -2.76 -2.78 -16.00
C ALA A 341 -2.27 -1.59 -16.84
N PHE A 342 -2.02 -0.40 -16.25
CA PHE A 342 -1.60 0.81 -17.02
C PHE A 342 -0.28 0.54 -17.75
N ILE A 343 0.54 -0.37 -17.25
CA ILE A 343 1.82 -0.72 -17.95
C ILE A 343 1.55 -1.50 -19.23
N GLY A 344 0.44 -2.24 -19.30
CA GLY A 344 0.16 -3.04 -20.50
C GLY A 344 0.91 -4.36 -20.53
N SER A 345 1.08 -4.95 -21.71
CA SER A 345 1.71 -6.29 -21.84
C SER A 345 3.18 -6.15 -22.19
N SER A 346 3.61 -4.93 -22.47
CA SER A 346 5.00 -4.61 -22.91
C SER A 346 5.44 -3.34 -22.20
N ALA A 347 6.67 -3.32 -21.69
CA ALA A 347 7.14 -2.14 -20.96
C ALA A 347 8.49 -1.72 -21.49
N THR A 348 8.78 -0.43 -21.43
CA THR A 348 10.18 0.07 -21.55
C THR A 348 10.81 0.00 -20.16
N VAL A 349 11.92 -0.69 -20.03
CA VAL A 349 12.67 -0.80 -18.74
C VAL A 349 13.99 -0.09 -18.97
N LYS A 350 14.22 1.01 -18.25
N LYS A 350 14.26 0.96 -18.19
CA LYS A 350 15.51 1.72 -18.29
CA LYS A 350 15.50 1.79 -18.31
C LYS A 350 16.24 1.42 -16.98
C LYS A 350 16.31 1.59 -17.02
N VAL A 351 17.42 0.85 -17.08
CA VAL A 351 18.29 0.62 -15.91
C VAL A 351 19.47 1.57 -16.01
N GLU A 352 19.68 2.33 -14.95
CA GLU A 352 20.75 3.35 -14.88
C GLU A 352 21.54 3.11 -13.61
N LYS A 353 22.77 3.60 -13.58
CA LYS A 353 23.60 3.44 -12.38
C LYS A 353 24.37 4.72 -12.10
N VAL A 354 24.83 4.82 -10.87
CA VAL A 354 25.81 5.87 -10.51
C VAL A 354 26.95 5.12 -9.83
N ASP A 355 28.17 5.29 -10.34
CA ASP A 355 29.37 4.62 -9.78
C ASP A 355 30.01 5.53 -8.74
N TRP A 356 30.64 4.92 -7.76
CA TRP A 356 31.32 5.60 -6.64
C TRP A 356 32.78 5.18 -6.63
N ASN A 357 33.69 6.15 -6.48
N ASN A 357 33.65 6.18 -6.47
CA ASN A 357 35.16 5.94 -6.30
CA ASN A 357 35.12 6.05 -6.40
C ASN A 357 35.56 6.33 -4.89
C ASN A 357 35.63 6.99 -5.29
N GLY A 358 34.81 7.23 -4.26
CA GLY A 358 35.19 7.91 -3.02
C GLY A 358 34.27 9.08 -2.70
N LYS A 359 34.16 9.45 -1.42
CA LYS A 359 33.19 10.47 -0.98
C LYS A 359 33.58 11.83 -1.54
N ASP A 360 34.87 12.05 -1.80
CA ASP A 360 35.32 13.40 -2.26
C ASP A 360 35.60 13.41 -3.77
N THR A 361 35.15 12.39 -4.51
CA THR A 361 35.36 12.30 -5.97
C THR A 361 34.17 12.94 -6.66
N PRO A 362 34.37 14.03 -7.43
CA PRO A 362 33.27 14.64 -8.15
C PRO A 362 32.67 13.63 -9.13
N VAL A 363 31.35 13.66 -9.26
CA VAL A 363 30.59 12.84 -10.24
C VAL A 363 29.66 13.77 -11.00
N ASN A 364 29.72 13.76 -12.33
CA ASN A 364 29.00 14.79 -13.11
C ASN A 364 27.75 14.19 -13.76
N GLY A 365 27.41 12.94 -13.46
CA GLY A 365 26.15 12.36 -13.97
C GLY A 365 26.10 10.86 -13.76
N THR A 366 25.11 10.24 -14.37
CA THR A 366 24.78 8.80 -14.25
C THR A 366 24.95 8.15 -15.62
N ASN A 367 24.89 6.83 -15.71
CA ASN A 367 25.15 6.04 -16.94
CA ASN A 367 25.11 6.08 -16.97
C ASN A 367 23.94 5.14 -17.17
N THR A 368 23.56 4.93 -18.42
CA THR A 368 22.50 3.96 -18.75
C THR A 368 23.19 2.59 -18.81
N VAL A 369 22.63 1.58 -18.11
CA VAL A 369 23.12 0.18 -18.25
C VAL A 369 22.41 -0.39 -19.48
N PHE A 370 21.09 -0.31 -19.52
CA PHE A 370 20.31 -0.58 -20.76
C PHE A 370 18.91 0.02 -20.65
N SER A 371 18.36 0.32 -21.81
CA SER A 371 16.91 0.55 -22.02
C SER A 371 16.43 -0.48 -23.03
N LYS A 372 15.53 -1.36 -22.61
CA LYS A 372 15.05 -2.49 -23.46
C LYS A 372 13.56 -2.68 -23.24
N ARG A 373 12.90 -3.26 -24.22
CA ARG A 373 11.49 -3.71 -24.10
C ARG A 373 11.45 -5.00 -23.26
N TYR A 374 10.54 -5.06 -22.29
CA TYR A 374 10.23 -6.31 -21.56
C TYR A 374 8.76 -6.63 -21.80
N THR A 375 8.46 -7.92 -21.94
CA THR A 375 7.05 -8.39 -21.95
C THR A 375 6.64 -8.73 -20.52
N VAL A 376 5.43 -8.34 -20.17
CA VAL A 376 4.84 -8.60 -18.82
C VAL A 376 4.29 -10.01 -18.86
N SER A 377 4.84 -10.91 -18.07
CA SER A 377 4.32 -12.28 -17.99
C SER A 377 3.72 -12.45 -16.60
N ASN A 378 2.45 -12.80 -16.51
CA ASN A 378 1.82 -13.06 -15.19
CA ASN A 378 1.73 -13.03 -15.22
C ASN A 378 2.02 -11.85 -14.28
N GLY A 379 1.80 -10.65 -14.80
CA GLY A 379 1.89 -9.38 -14.03
C GLY A 379 3.29 -9.09 -13.54
N THR A 380 4.31 -9.72 -14.13
CA THR A 380 5.70 -9.78 -13.61
C THR A 380 6.66 -9.40 -14.73
N ILE A 381 7.67 -8.63 -14.36
CA ILE A 381 8.85 -8.34 -15.19
C ILE A 381 10.05 -8.80 -14.37
N ASN A 382 10.93 -9.59 -14.94
CA ASN A 382 12.17 -10.04 -14.25
C ASN A 382 13.37 -9.34 -14.89
N VAL A 383 13.93 -8.35 -14.19
CA VAL A 383 15.06 -7.54 -14.73
C VAL A 383 16.34 -8.10 -14.10
N SER A 384 17.31 -8.49 -14.90
CA SER A 384 18.65 -8.90 -14.39
C SER A 384 19.65 -7.81 -14.72
N ILE A 385 20.30 -7.27 -13.69
CA ILE A 385 21.36 -6.22 -13.81
C ILE A 385 22.72 -6.91 -13.70
N PRO A 386 23.47 -6.96 -14.82
CA PRO A 386 24.72 -7.70 -14.89
C PRO A 386 25.87 -6.84 -14.35
N GLY A 387 26.93 -7.50 -13.90
CA GLY A 387 28.18 -6.83 -13.52
C GLY A 387 27.98 -5.79 -12.42
N THR A 388 27.22 -6.14 -11.39
CA THR A 388 26.94 -5.21 -10.28
C THR A 388 28.07 -5.25 -9.26
N ASN A 389 28.15 -4.21 -8.44
CA ASN A 389 29.17 -4.09 -7.39
C ASN A 389 28.45 -3.58 -6.12
N ASN A 390 29.19 -3.42 -5.03
CA ASN A 390 28.61 -3.15 -3.70
C ASN A 390 28.45 -1.65 -3.42
N THR A 391 28.99 -0.74 -4.25
CA THR A 391 29.13 0.71 -3.97
C THR A 391 28.29 1.54 -4.94
N SER A 392 28.03 1.05 -6.16
CA SER A 392 27.18 1.75 -7.14
C SER A 392 25.74 1.81 -6.61
N GLY A 393 24.97 2.79 -7.09
CA GLY A 393 23.51 2.79 -6.96
C GLY A 393 22.87 2.52 -8.30
N TYR A 394 21.73 1.84 -8.32
CA TYR A 394 21.02 1.42 -9.53
C TYR A 394 19.57 1.88 -9.46
N ARG A 395 19.00 2.19 -10.61
CA ARG A 395 17.55 2.46 -10.74
C ARG A 395 17.01 1.58 -11.86
N VAL A 396 15.84 1.00 -11.63
CA VAL A 396 15.02 0.34 -12.66
C VAL A 396 13.78 1.20 -12.84
N TYR A 397 13.61 1.80 -14.02
CA TYR A 397 12.50 2.73 -14.31
C TYR A 397 11.63 2.06 -15.36
N VAL A 398 10.36 1.86 -15.08
CA VAL A 398 9.43 1.06 -15.94
C VAL A 398 8.28 1.97 -16.35
N SER A 399 8.00 2.00 -17.65
CA SER A 399 6.86 2.79 -18.18
C SER A 399 6.28 2.07 -19.40
N ARG A 400 5.13 2.49 -19.89
CA ARG A 400 4.48 1.73 -21.00
C ARG A 400 5.26 2.02 -22.29
N LEU A 401 5.33 1.04 -23.20
CA LEU A 401 6.20 1.06 -24.40
C LEU A 401 5.86 2.23 -25.34
N ALA B 2 -4.02 -9.62 -32.92
CA ALA B 2 -5.28 -9.53 -32.16
C ALA B 2 -5.13 -10.35 -30.87
N THR B 3 -5.88 -9.94 -29.87
CA THR B 3 -6.04 -10.69 -28.61
C THR B 3 -7.35 -11.47 -28.72
N THR B 4 -7.29 -12.78 -28.53
CA THR B 4 -8.38 -13.69 -28.90
C THR B 4 -8.99 -14.31 -27.65
N LEU B 5 -10.31 -14.42 -27.62
CA LEU B 5 -11.01 -15.34 -26.71
C LEU B 5 -12.03 -16.20 -27.47
N THR B 6 -12.34 -17.35 -26.91
CA THR B 6 -13.26 -18.32 -27.50
C THR B 6 -14.41 -18.54 -26.53
N VAL B 7 -15.63 -18.50 -27.04
CA VAL B 7 -16.87 -18.69 -26.26
C VAL B 7 -17.48 -20.01 -26.70
N ASP B 8 -17.54 -20.98 -25.80
CA ASP B 8 -18.15 -22.30 -26.06
C ASP B 8 -19.59 -22.27 -25.53
N CYS B 9 -20.57 -22.05 -26.42
CA CYS B 9 -21.98 -21.83 -26.04
C CYS B 9 -22.58 -23.09 -25.42
N ARG B 10 -21.97 -24.25 -25.68
CA ARG B 10 -22.47 -25.54 -25.16
C ARG B 10 -21.94 -25.79 -23.75
N ALA B 11 -20.85 -25.13 -23.34
CA ALA B 11 -20.16 -25.48 -22.08
C ALA B 11 -20.75 -24.65 -20.95
N THR B 12 -21.93 -25.04 -20.50
CA THR B 12 -22.62 -24.42 -19.36
C THR B 12 -21.72 -24.48 -18.12
N LEU B 13 -21.55 -23.36 -17.41
CA LEU B 13 -20.85 -23.37 -16.10
C LEU B 13 -21.89 -23.54 -15.02
N ARG B 14 -22.94 -22.72 -15.05
CA ARG B 14 -24.01 -22.61 -14.05
C ARG B 14 -24.95 -21.51 -14.48
N GLY B 15 -26.06 -21.35 -13.76
CA GLY B 15 -27.01 -20.24 -13.93
C GLY B 15 -26.33 -18.91 -13.68
N VAL B 16 -26.74 -17.86 -14.38
CA VAL B 16 -26.27 -16.48 -14.09
C VAL B 16 -26.49 -16.17 -12.61
N THR B 17 -25.49 -15.64 -11.89
CA THR B 17 -25.61 -15.12 -10.51
C THR B 17 -25.03 -13.71 -10.36
N HIS B 18 -24.49 -13.14 -11.43
CA HIS B 18 -23.77 -11.84 -11.42
C HIS B 18 -22.75 -11.85 -10.25
N CYS B 19 -21.99 -12.92 -10.12
CA CYS B 19 -21.28 -13.25 -8.84
C CYS B 19 -20.36 -12.12 -8.40
N ALA B 20 -19.82 -11.34 -9.33
CA ALA B 20 -18.81 -10.29 -9.08
C ALA B 20 -19.41 -8.86 -9.10
N SER B 21 -20.73 -8.74 -9.09
CA SER B 21 -21.42 -7.43 -9.06
C SER B 21 -21.76 -7.06 -7.62
N GLY B 22 -20.89 -6.28 -6.99
CA GLY B 22 -21.03 -5.86 -5.60
C GLY B 22 -19.77 -5.16 -5.16
N SER B 23 -19.77 -4.62 -3.96
CA SER B 23 -18.74 -3.67 -3.54
C SER B 23 -18.70 -3.57 -2.02
N LEU B 24 -17.51 -3.24 -1.55
CA LEU B 24 -17.24 -2.88 -0.15
C LEU B 24 -17.65 -1.42 0.09
N TYR B 25 -18.57 -1.21 1.03
CA TYR B 25 -19.16 0.13 1.31
C TYR B 25 -19.69 0.79 0.03
N GLY B 26 -20.12 0.00 -0.95
CA GLY B 26 -20.59 0.51 -2.24
C GLY B 26 -22.02 1.03 -2.13
N VAL B 27 -22.75 0.59 -1.11
CA VAL B 27 -24.10 1.10 -0.75
C VAL B 27 -24.08 1.40 0.74
N THR B 28 -24.66 2.53 1.15
CA THR B 28 -24.75 2.88 2.58
C THR B 28 -26.21 3.21 2.92
N GLU B 29 -26.44 3.72 4.12
CA GLU B 29 -27.77 4.17 4.56
C GLU B 29 -28.29 5.22 3.55
N SER B 30 -27.47 6.06 2.94
CA SER B 30 -27.97 7.26 2.20
C SER B 30 -27.45 7.29 0.76
N LYS B 31 -26.47 6.46 0.40
CA LYS B 31 -25.85 6.52 -0.95
C LYS B 31 -25.74 5.14 -1.58
N PRO B 32 -25.98 4.99 -2.90
CA PRO B 32 -26.61 6.02 -3.74
C PRO B 32 -27.98 6.45 -3.17
N PHE B 33 -28.36 7.71 -3.45
CA PHE B 33 -29.65 8.28 -2.99
C PHE B 33 -30.80 7.47 -3.60
N ASP B 34 -30.65 7.01 -4.84
CA ASP B 34 -31.76 6.38 -5.61
C ASP B 34 -31.41 4.93 -5.90
N ILE B 35 -31.93 4.01 -5.08
CA ILE B 35 -31.66 2.54 -5.20
C ILE B 35 -32.21 2.03 -6.52
N ASN B 36 -33.45 2.38 -6.86
CA ASN B 36 -34.10 1.93 -8.11
C ASN B 36 -33.32 2.40 -9.34
N GLN B 37 -32.78 3.61 -9.34
CA GLN B 37 -32.09 4.17 -10.52
C GLN B 37 -30.69 3.55 -10.66
N PHE B 38 -29.92 3.44 -9.57
CA PHE B 38 -28.46 3.20 -9.65
C PHE B 38 -28.08 1.80 -9.18
N VAL B 39 -28.88 1.14 -8.35
CA VAL B 39 -28.49 -0.18 -7.77
C VAL B 39 -29.30 -1.31 -8.42
N ALA B 40 -30.62 -1.21 -8.39
CA ALA B 40 -31.52 -2.31 -8.83
C ALA B 40 -31.16 -2.80 -10.22
N PRO B 41 -30.94 -1.91 -11.23
CA PRO B 41 -30.64 -2.36 -12.60
C PRO B 41 -29.37 -3.21 -12.77
N LEU B 42 -28.45 -3.12 -11.82
CA LEU B 42 -27.20 -3.91 -11.87
C LEU B 42 -27.50 -5.36 -11.47
N LYS B 43 -28.63 -5.64 -10.84
CA LYS B 43 -28.96 -7.03 -10.40
C LYS B 43 -27.78 -7.56 -9.59
N PRO B 44 -27.37 -6.80 -8.56
CA PRO B 44 -26.15 -7.11 -7.80
C PRO B 44 -26.30 -8.41 -6.98
N ASN B 45 -25.14 -8.95 -6.64
CA ASN B 45 -25.00 -10.21 -5.90
C ASN B 45 -24.77 -9.84 -4.44
N VAL B 46 -23.52 -9.64 -4.03
CA VAL B 46 -23.20 -9.41 -2.59
C VAL B 46 -22.44 -8.10 -2.39
N PHE B 47 -22.89 -7.34 -1.39
CA PHE B 47 -22.18 -6.16 -0.86
C PHE B 47 -21.58 -6.50 0.49
N THR B 48 -20.41 -5.94 0.81
CA THR B 48 -19.77 -6.07 2.12
C THR B 48 -19.92 -4.73 2.85
N ASN B 49 -20.46 -4.78 4.05
CA ASN B 49 -20.80 -3.57 4.86
C ASN B 49 -20.38 -3.82 6.29
N PRO B 50 -19.88 -2.79 6.99
CA PRO B 50 -19.53 -2.91 8.41
C PRO B 50 -20.75 -3.28 9.25
N ALA B 51 -20.52 -4.09 10.27
CA ALA B 51 -21.57 -4.51 11.23
C ALA B 51 -22.21 -3.28 11.86
N LEU B 52 -21.41 -2.29 12.26
CA LEU B 52 -21.86 -1.04 12.90
C LEU B 52 -21.12 0.13 12.25
N ALA B 53 -21.71 1.32 12.31
CA ALA B 53 -21.07 2.53 11.79
C ALA B 53 -21.41 3.68 12.74
N GLY B 54 -20.48 4.62 12.86
CA GLY B 54 -20.62 5.78 13.74
C GLY B 54 -19.31 6.12 14.41
N PHE B 55 -19.36 7.03 15.38
CA PHE B 55 -18.18 7.70 15.97
C PHE B 55 -17.22 6.63 16.51
N ASN B 56 -17.75 5.60 17.18
CA ASN B 56 -16.91 4.61 17.91
C ASN B 56 -16.51 3.44 17.00
N HIS B 57 -16.84 3.46 15.71
CA HIS B 57 -16.70 2.29 14.81
C HIS B 57 -15.65 2.61 13.76
N GLN B 58 -15.39 1.68 12.83
CA GLN B 58 -14.37 1.87 11.77
C GLN B 58 -14.72 3.10 10.91
N GLN B 59 -15.97 3.28 10.53
CA GLN B 59 -16.38 4.41 9.65
C GLN B 59 -17.68 4.98 10.21
N PRO B 60 -17.99 6.24 9.86
CA PRO B 60 -19.24 6.87 10.33
C PRO B 60 -20.49 6.43 9.58
N ILE B 61 -20.34 5.72 8.46
CA ILE B 61 -21.45 5.34 7.55
C ILE B 61 -21.34 3.86 7.16
N GLY B 62 -22.42 3.30 6.62
CA GLY B 62 -22.41 2.02 5.89
C GLY B 62 -22.99 0.85 6.68
N ALA B 63 -23.67 1.08 7.81
CA ALA B 63 -24.15 0.00 8.69
C ALA B 63 -24.91 -1.05 7.90
N ALA B 64 -24.55 -2.33 8.11
CA ALA B 64 -25.00 -3.47 7.29
C ALA B 64 -26.52 -3.66 7.37
N ILE B 65 -27.12 -3.53 8.54
CA ILE B 65 -28.56 -3.87 8.67
C ILE B 65 -29.42 -2.85 7.95
N PRO B 66 -29.24 -1.54 8.20
CA PRO B 66 -29.97 -0.54 7.42
C PRO B 66 -29.68 -0.69 5.93
N THR B 67 -28.46 -1.04 5.53
CA THR B 67 -28.10 -1.17 4.10
C THR B 67 -28.89 -2.34 3.50
N ALA B 68 -28.94 -3.47 4.20
CA ALA B 68 -29.72 -4.65 3.76
C ALA B 68 -31.17 -4.20 3.57
N GLY B 69 -31.70 -3.48 4.54
CA GLY B 69 -33.05 -2.91 4.44
C GLY B 69 -33.29 -2.22 3.12
N ARG B 70 -32.40 -1.30 2.75
CA ARG B 70 -32.55 -0.49 1.52
C ARG B 70 -32.52 -1.37 0.28
N LEU B 71 -31.82 -2.50 0.34
CA LEU B 71 -31.55 -3.40 -0.82
C LEU B 71 -32.59 -4.51 -0.91
N LYS B 72 -33.54 -4.57 0.02
CA LYS B 72 -34.36 -5.77 0.23
C LYS B 72 -35.26 -6.05 -0.98
N ASN B 73 -35.56 -5.06 -1.82
CA ASN B 73 -36.33 -5.30 -3.07
C ASN B 73 -35.44 -5.36 -4.31
N THR B 74 -34.11 -5.34 -4.15
CA THR B 74 -33.18 -5.68 -5.24
C THR B 74 -32.76 -7.16 -5.10
N THR B 75 -31.91 -7.64 -5.99
CA THR B 75 -31.25 -8.96 -5.88
C THR B 75 -30.12 -8.96 -4.83
N GLY B 76 -29.74 -7.81 -4.29
CA GLY B 76 -28.52 -7.65 -3.48
C GLY B 76 -28.62 -8.25 -2.09
N LYS B 77 -27.54 -8.91 -1.67
CA LYS B 77 -27.38 -9.42 -0.30
C LYS B 77 -26.20 -8.70 0.35
N VAL B 78 -26.11 -8.77 1.67
CA VAL B 78 -25.12 -8.01 2.47
C VAL B 78 -24.33 -8.98 3.33
N MET B 79 -23.01 -8.94 3.13
CA MET B 79 -22.06 -9.65 4.02
C MET B 79 -21.72 -8.70 5.16
N ILE B 80 -21.77 -9.19 6.40
CA ILE B 80 -21.53 -8.38 7.63
C ILE B 80 -20.04 -8.46 8.00
N ARG B 81 -19.33 -7.35 7.85
CA ARG B 81 -17.92 -7.23 8.29
C ARG B 81 -17.91 -6.89 9.79
N LEU B 82 -17.71 -7.90 10.62
CA LEU B 82 -17.75 -7.73 12.10
C LEU B 82 -16.55 -6.91 12.60
N ALA B 83 -15.42 -6.92 11.91
CA ALA B 83 -14.19 -6.25 12.43
C ALA B 83 -14.42 -4.72 12.53
N ASP B 84 -15.30 -4.19 11.69
CA ASP B 84 -15.52 -2.73 11.61
C ASP B 84 -16.33 -2.23 12.83
N ILE B 85 -16.76 -3.12 13.71
CA ILE B 85 -17.18 -2.75 15.09
C ILE B 85 -16.08 -1.87 15.69
N PHE B 86 -14.81 -2.15 15.37
CA PHE B 86 -13.68 -1.45 16.03
C PHE B 86 -13.20 -0.31 15.15
N PRO B 87 -12.81 0.81 15.79
CA PRO B 87 -12.15 1.90 15.10
C PRO B 87 -10.65 1.61 14.89
N ARG B 88 -10.10 2.35 13.93
N ARG B 88 -9.97 2.46 14.12
CA ARG B 88 -8.65 2.54 13.66
CA ARG B 88 -8.49 2.44 13.91
C ARG B 88 -8.13 1.40 12.79
C ARG B 88 -8.11 1.41 12.83
N TRP B 89 -6.96 1.62 12.19
CA TRP B 89 -6.36 0.67 11.24
C TRP B 89 -4.87 0.56 11.54
N PRO B 90 -4.39 -0.61 12.01
CA PRO B 90 -5.22 -1.80 12.23
C PRO B 90 -6.25 -1.62 13.36
N TYR B 91 -7.27 -2.49 13.36
CA TYR B 91 -8.42 -2.42 14.29
C TYR B 91 -7.96 -2.28 15.74
N GLY B 92 -8.60 -1.39 16.50
CA GLY B 92 -8.39 -1.26 17.95
C GLY B 92 -9.13 -2.34 18.70
N PHE B 93 -8.70 -3.60 18.55
CA PHE B 93 -9.29 -4.72 19.31
C PHE B 93 -9.10 -4.41 20.80
N THR B 94 -10.13 -4.71 21.59
CA THR B 94 -10.20 -4.47 23.06
C THR B 94 -9.84 -5.77 23.80
N ASN B 95 -10.83 -6.63 24.00
CA ASN B 95 -10.64 -7.94 24.66
C ASN B 95 -11.79 -8.83 24.20
N MET B 96 -11.66 -10.13 24.42
N MET B 96 -11.69 -10.14 24.48
CA MET B 96 -12.61 -11.13 23.87
CA MET B 96 -12.68 -11.17 24.06
C MET B 96 -14.01 -10.89 24.43
C MET B 96 -14.05 -10.87 24.70
N ASN B 97 -14.14 -10.60 25.72
N ASN B 97 -14.14 -10.57 26.00
CA ASN B 97 -15.46 -10.39 26.38
CA ASN B 97 -15.45 -10.25 26.63
C ASN B 97 -16.18 -9.20 25.73
C ASN B 97 -16.18 -9.18 25.81
N ASP B 98 -15.48 -8.09 25.49
CA ASP B 98 -16.06 -6.90 24.85
C ASP B 98 -16.47 -7.26 23.42
N TRP B 99 -15.56 -7.90 22.67
CA TRP B 99 -15.81 -8.31 21.27
C TRP B 99 -17.02 -9.23 21.15
N LEU B 100 -17.06 -10.30 21.93
CA LEU B 100 -18.17 -11.29 21.83
C LEU B 100 -19.49 -10.63 22.23
N GLY B 101 -19.45 -9.70 23.19
CA GLY B 101 -20.61 -8.87 23.59
C GLY B 101 -21.14 -8.05 22.41
N LYS B 102 -20.25 -7.41 21.67
CA LYS B 102 -20.60 -6.55 20.53
C LYS B 102 -21.12 -7.44 19.40
N VAL B 103 -20.46 -8.59 19.15
CA VAL B 103 -20.89 -9.50 18.05
C VAL B 103 -22.30 -10.03 18.41
N THR B 104 -22.51 -10.40 19.66
CA THR B 104 -23.84 -10.90 20.11
C THR B 104 -24.90 -9.85 19.78
N SER B 105 -24.63 -8.60 20.07
CA SER B 105 -25.60 -7.50 19.86
C SER B 105 -25.90 -7.36 18.36
N VAL B 106 -24.86 -7.43 17.50
CA VAL B 106 -25.05 -7.34 16.02
C VAL B 106 -25.94 -8.50 15.57
N ILE B 107 -25.64 -9.70 16.03
CA ILE B 107 -26.37 -10.92 15.61
C ILE B 107 -27.83 -10.72 15.97
N ASN B 108 -28.07 -10.29 17.19
CA ASN B 108 -29.45 -10.07 17.70
C ASN B 108 -30.16 -9.02 16.83
N GLN B 109 -29.47 -7.95 16.43
CA GLN B 109 -30.08 -6.88 15.61
C GLN B 109 -30.35 -7.42 14.20
N LYS B 110 -29.45 -8.26 13.69
CA LYS B 110 -29.57 -8.83 12.35
C LYS B 110 -30.83 -9.70 12.30
N LYS B 111 -30.96 -10.59 13.28
CA LYS B 111 -32.12 -11.51 13.35
C LYS B 111 -33.41 -10.68 13.57
N ALA B 112 -33.37 -9.68 14.44
CA ALA B 112 -34.55 -8.83 14.77
C ALA B 112 -34.98 -8.03 13.55
N SER B 113 -34.09 -7.68 12.62
CA SER B 113 -34.42 -6.83 11.45
C SER B 113 -35.48 -7.52 10.57
N GLY B 114 -35.45 -8.85 10.54
CA GLY B 114 -36.30 -9.72 9.72
C GLY B 114 -35.86 -9.81 8.27
N TYR B 115 -34.82 -9.08 7.85
CA TYR B 115 -34.39 -9.11 6.44
C TYR B 115 -33.80 -10.48 6.14
N SER B 116 -34.07 -11.00 4.96
CA SER B 116 -33.62 -12.34 4.53
C SER B 116 -32.52 -12.22 3.47
N ASN B 117 -31.91 -11.03 3.32
CA ASN B 117 -30.87 -10.83 2.27
C ASN B 117 -29.48 -10.67 2.91
N PHE B 118 -29.21 -11.35 4.01
CA PHE B 118 -27.84 -11.37 4.60
C PHE B 118 -27.10 -12.55 4.01
N TYR B 119 -25.86 -12.33 3.59
CA TYR B 119 -25.01 -13.37 2.94
C TYR B 119 -24.31 -14.16 4.04
N GLY B 120 -24.01 -13.49 5.16
CA GLY B 120 -23.40 -14.15 6.32
C GLY B 120 -22.49 -13.22 7.06
N TYR B 121 -21.69 -13.75 7.95
CA TYR B 121 -20.83 -12.93 8.83
C TYR B 121 -19.37 -13.17 8.47
N GLU B 122 -18.64 -12.09 8.21
CA GLU B 122 -17.16 -12.12 8.12
C GLU B 122 -16.60 -11.89 9.53
N ILE B 123 -15.99 -12.89 10.14
CA ILE B 123 -15.46 -12.78 11.54
C ILE B 123 -14.40 -11.68 11.64
N TRP B 124 -13.49 -11.59 10.67
CA TRP B 124 -12.41 -10.59 10.68
C TRP B 124 -12.01 -10.20 9.26
N ASN B 125 -11.26 -9.10 9.17
CA ASN B 125 -10.84 -8.51 7.88
C ASN B 125 -9.33 -8.40 7.87
N GLU B 126 -8.67 -9.04 6.89
CA GLU B 126 -7.19 -8.97 6.70
C GLU B 126 -6.43 -9.24 8.00
N PRO B 127 -6.70 -10.34 8.71
CA PRO B 127 -6.01 -10.61 9.99
C PRO B 127 -4.49 -10.75 9.83
N ASP B 128 -4.03 -11.09 8.63
CA ASP B 128 -2.58 -11.18 8.31
C ASP B 128 -1.94 -9.80 8.51
N GLY B 129 -2.71 -8.71 8.34
CA GLY B 129 -2.25 -7.33 8.54
C GLY B 129 -2.75 -6.74 9.84
N THR B 130 -3.91 -7.18 10.35
CA THR B 130 -4.64 -6.42 11.39
C THR B 130 -4.86 -7.22 12.68
N PHE B 131 -4.48 -8.50 12.80
CA PHE B 131 -4.66 -9.31 14.03
C PHE B 131 -3.38 -10.09 14.34
N LYS B 132 -2.30 -9.36 14.55
CA LYS B 132 -0.93 -9.89 14.72
C LYS B 132 -0.48 -9.76 16.19
N ASN B 133 -1.00 -8.76 16.93
CA ASN B 133 -0.32 -8.19 18.13
C ASN B 133 -1.21 -8.17 19.38
N ASN B 134 -2.41 -8.75 19.34
CA ASN B 134 -3.45 -8.54 20.39
C ASN B 134 -3.22 -9.45 21.60
N ASN B 135 -4.04 -9.28 22.65
CA ASN B 135 -3.94 -9.99 23.96
C ASN B 135 -4.41 -11.45 23.80
N VAL B 136 -5.03 -11.77 22.66
CA VAL B 136 -5.52 -13.12 22.27
C VAL B 136 -4.94 -13.38 20.87
N SER B 137 -4.79 -14.63 20.48
CA SER B 137 -4.34 -14.97 19.11
C SER B 137 -5.53 -14.78 18.16
N PHE B 138 -5.24 -14.62 16.87
CA PHE B 138 -6.26 -14.63 15.81
C PHE B 138 -7.05 -15.94 15.87
N ASN B 139 -6.33 -17.06 15.98
CA ASN B 139 -6.95 -18.41 15.99
C ASN B 139 -7.99 -18.53 17.11
N ASP B 140 -7.66 -18.04 18.30
N ASP B 140 -7.66 -18.04 18.30
CA ASP B 140 -8.56 -18.15 19.48
CA ASP B 140 -8.52 -18.14 19.51
C ASP B 140 -9.77 -17.23 19.30
C ASP B 140 -9.75 -17.23 19.34
N MET B 141 -9.54 -16.01 18.85
CA MET B 141 -10.63 -15.06 18.54
C MET B 141 -11.53 -15.72 17.48
N TRP B 142 -10.93 -16.26 16.42
CA TRP B 142 -11.71 -16.91 15.34
C TRP B 142 -12.57 -18.03 15.95
N LEU B 143 -11.95 -18.92 16.73
CA LEU B 143 -12.68 -20.12 17.22
C LEU B 143 -13.85 -19.66 18.10
N GLN B 144 -13.63 -18.73 19.03
CA GLN B 144 -14.69 -18.36 20.00
C GLN B 144 -15.80 -17.60 19.24
N THR B 145 -15.44 -16.78 18.26
CA THR B 145 -16.45 -16.00 17.48
C THR B 145 -17.25 -16.97 16.62
N TYR B 146 -16.55 -17.94 16.03
CA TYR B 146 -17.21 -19.00 15.24
C TYR B 146 -18.29 -19.73 16.09
N LYS B 147 -17.91 -20.19 17.28
N LYS B 147 -17.92 -20.16 17.30
CA LYS B 147 -18.84 -20.90 18.20
CA LYS B 147 -18.83 -20.92 18.21
C LYS B 147 -20.07 -20.02 18.46
C LYS B 147 -20.04 -20.05 18.59
N LEU B 148 -19.85 -18.73 18.73
CA LEU B 148 -20.93 -17.76 19.07
C LEU B 148 -21.91 -17.66 17.90
N ILE B 149 -21.40 -17.45 16.69
CA ILE B 149 -22.26 -17.36 15.47
C ILE B 149 -23.00 -18.68 15.32
N ARG B 150 -22.36 -19.83 15.49
CA ARG B 150 -23.07 -21.10 15.27
C ARG B 150 -24.17 -21.24 16.32
N ARG B 151 -23.94 -20.78 17.55
CA ARG B 151 -24.90 -20.94 18.67
C ARG B 151 -26.12 -20.06 18.42
N LEU B 152 -25.91 -18.80 17.99
CA LEU B 152 -27.00 -17.78 17.96
C LEU B 152 -27.64 -17.67 16.57
N ASP B 153 -26.92 -18.03 15.51
CA ASP B 153 -27.45 -17.90 14.13
C ASP B 153 -26.97 -19.09 13.32
N PRO B 154 -27.42 -20.31 13.67
CA PRO B 154 -26.93 -21.51 13.02
C PRO B 154 -27.16 -21.60 11.51
N ASN B 155 -28.17 -20.94 10.97
CA ASN B 155 -28.47 -21.04 9.50
C ASN B 155 -27.57 -20.08 8.70
N SER B 156 -26.76 -19.26 9.33
CA SER B 156 -26.01 -18.21 8.61
C SER B 156 -24.65 -18.74 8.12
N GLN B 157 -24.05 -18.10 7.12
CA GLN B 157 -22.75 -18.51 6.57
C GLN B 157 -21.67 -17.74 7.32
N ILE B 158 -20.52 -18.40 7.51
CA ILE B 158 -19.34 -17.74 8.12
C ILE B 158 -18.27 -17.64 7.03
N ILE B 159 -17.72 -16.44 6.86
CA ILE B 159 -16.77 -16.11 5.77
C ILE B 159 -15.41 -15.74 6.38
N GLY B 160 -14.37 -16.32 5.85
CA GLY B 160 -13.01 -15.96 6.28
C GLY B 160 -11.98 -16.79 5.54
N PRO B 161 -10.68 -16.53 5.75
CA PRO B 161 -10.24 -15.56 6.75
C PRO B 161 -10.08 -14.11 6.27
N SER B 162 -10.42 -13.85 4.99
CA SER B 162 -10.40 -12.50 4.37
C SER B 162 -8.96 -11.96 4.42
N TYR B 163 -7.98 -12.79 4.08
CA TYR B 163 -6.57 -12.33 3.96
C TYR B 163 -6.42 -11.21 2.94
N SER B 164 -5.46 -10.33 3.21
CA SER B 164 -5.14 -9.18 2.32
C SER B 164 -4.71 -9.69 0.95
N TYR B 165 -4.15 -10.89 0.88
CA TYR B 165 -3.76 -11.52 -0.39
C TYR B 165 -3.68 -13.02 -0.17
N TYR B 166 -3.75 -13.77 -1.24
CA TYR B 166 -3.64 -15.24 -1.14
C TYR B 166 -2.18 -15.60 -0.83
N ASN B 167 -1.97 -16.29 0.27
CA ASN B 167 -0.63 -16.73 0.72
C ASN B 167 -0.77 -18.21 1.06
N HIS B 168 -0.08 -19.09 0.35
CA HIS B 168 -0.16 -20.55 0.56
C HIS B 168 0.18 -20.89 2.00
N TYR B 169 1.26 -20.31 2.55
CA TYR B 169 1.68 -20.68 3.91
C TYR B 169 0.55 -20.38 4.92
N ASN B 170 0.03 -19.16 4.84
N ASN B 170 -0.02 -19.17 4.90
CA ASN B 170 -1.02 -18.64 5.77
CA ASN B 170 -0.99 -18.77 5.96
C ASN B 170 -2.27 -19.52 5.65
C ASN B 170 -2.37 -19.39 5.67
N MET B 171 -2.69 -19.75 4.42
CA MET B 171 -3.93 -20.52 4.15
C MET B 171 -3.77 -21.97 4.62
N ASN B 172 -2.62 -22.59 4.44
CA ASN B 172 -2.38 -23.98 4.90
C ASN B 172 -2.51 -23.99 6.43
N ALA B 173 -1.93 -23.02 7.13
CA ALA B 173 -1.93 -22.98 8.61
C ALA B 173 -3.37 -22.74 9.10
N PHE B 174 -4.10 -21.81 8.46
CA PHE B 174 -5.46 -21.41 8.88
C PHE B 174 -6.41 -22.60 8.68
N LEU B 175 -6.33 -23.23 7.53
CA LEU B 175 -7.27 -24.33 7.19
C LEU B 175 -6.96 -25.53 8.09
N ASN B 176 -5.69 -25.78 8.41
CA ASN B 176 -5.35 -26.91 9.32
C ASN B 176 -5.87 -26.58 10.72
N PHE B 177 -5.64 -25.37 11.20
CA PHE B 177 -6.18 -25.00 12.54
C PHE B 177 -7.70 -25.21 12.54
N CYS B 178 -8.37 -24.75 11.47
CA CYS B 178 -9.86 -24.78 11.43
C CYS B 178 -10.33 -26.23 11.32
N ARG B 179 -9.63 -27.07 10.54
CA ARG B 179 -10.01 -28.48 10.41
C ARG B 179 -9.82 -29.16 11.77
N ALA B 180 -8.68 -28.91 12.45
CA ALA B 180 -8.36 -29.57 13.72
C ALA B 180 -9.33 -29.12 14.81
N ASN B 181 -9.90 -27.91 14.73
CA ASN B 181 -10.77 -27.37 15.80
C ASN B 181 -12.22 -27.20 15.35
N ASN B 182 -12.59 -27.79 14.21
CA ASN B 182 -13.98 -27.84 13.66
C ASN B 182 -14.55 -26.42 13.57
N CYS B 183 -13.78 -25.50 13.00
CA CYS B 183 -14.21 -24.10 12.83
C CYS B 183 -13.87 -23.60 11.43
N LEU B 184 -14.07 -24.42 10.43
CA LEU B 184 -13.82 -24.02 9.04
C LEU B 184 -14.90 -23.03 8.63
N PRO B 185 -14.53 -22.02 7.85
CA PRO B 185 -15.56 -21.16 7.27
C PRO B 185 -16.42 -21.93 6.28
N ASP B 186 -17.66 -21.49 6.09
CA ASP B 186 -18.53 -21.97 5.01
C ASP B 186 -18.04 -21.42 3.66
N VAL B 187 -17.49 -20.21 3.67
CA VAL B 187 -17.02 -19.50 2.47
C VAL B 187 -15.59 -19.03 2.71
N ILE B 188 -14.65 -19.59 1.96
CA ILE B 188 -13.23 -19.20 2.05
C ILE B 188 -13.02 -17.89 1.28
N CYS B 189 -12.36 -16.94 1.89
CA CYS B 189 -12.31 -15.54 1.41
C CYS B 189 -10.91 -14.95 1.51
N TRP B 190 -10.51 -14.24 0.45
CA TRP B 190 -9.26 -13.43 0.45
C TRP B 190 -9.47 -12.30 -0.55
N HIS B 191 -8.52 -11.36 -0.58
CA HIS B 191 -8.61 -10.13 -1.39
C HIS B 191 -7.67 -10.23 -2.59
N GLU B 192 -8.11 -9.76 -3.74
CA GLU B 192 -7.34 -9.74 -5.01
C GLU B 192 -7.21 -8.26 -5.41
N LEU B 193 -6.27 -7.56 -4.78
CA LEU B 193 -6.07 -6.09 -4.83
C LEU B 193 -4.80 -5.77 -5.61
N GLY B 194 -4.22 -6.74 -6.33
CA GLY B 194 -2.96 -6.59 -7.08
C GLY B 194 -3.12 -6.91 -8.55
N GLY B 195 -4.34 -6.94 -9.05
CA GLY B 195 -4.59 -7.27 -10.46
C GLY B 195 -5.25 -8.62 -10.64
N SER B 196 -5.69 -8.88 -11.86
CA SER B 196 -6.47 -10.10 -12.22
C SER B 196 -5.57 -11.30 -12.54
N GLN B 197 -4.24 -11.13 -12.66
CA GLN B 197 -3.37 -12.14 -13.29
C GLN B 197 -3.18 -13.39 -12.41
N ASN B 198 -3.52 -13.36 -11.11
CA ASN B 198 -3.24 -14.54 -10.24
C ASN B 198 -4.52 -15.20 -9.77
N ILE B 199 -5.68 -14.66 -10.12
CA ILE B 199 -6.99 -15.18 -9.61
C ILE B 199 -7.11 -16.66 -9.91
N SER B 200 -6.89 -17.09 -11.14
CA SER B 200 -7.19 -18.49 -11.53
C SER B 200 -6.20 -19.44 -10.82
N GLY B 201 -4.93 -19.05 -10.78
CA GLY B 201 -3.87 -19.82 -10.09
C GLY B 201 -4.14 -19.88 -8.60
N ASN B 202 -4.58 -18.78 -8.00
CA ASN B 202 -4.86 -18.73 -6.53
C ASN B 202 -6.00 -19.71 -6.22
N ILE B 203 -7.07 -19.65 -7.02
CA ILE B 203 -8.25 -20.52 -6.82
C ILE B 203 -7.84 -21.98 -7.02
N ARG B 204 -7.06 -22.29 -8.05
N ARG B 204 -7.05 -22.31 -8.05
CA ARG B 204 -6.53 -23.65 -8.30
CA ARG B 204 -6.59 -23.70 -8.28
C ARG B 204 -5.79 -24.13 -7.05
C ARG B 204 -5.75 -24.16 -7.09
N ASP B 205 -4.92 -23.27 -6.52
CA ASP B 205 -4.03 -23.60 -5.39
C ASP B 205 -4.88 -23.84 -4.14
N LEU B 206 -5.90 -23.02 -3.94
CA LEU B 206 -6.82 -23.20 -2.76
C LEU B 206 -7.53 -24.56 -2.89
N LYS B 207 -8.05 -24.88 -4.06
CA LYS B 207 -8.80 -26.15 -4.22
C LYS B 207 -7.86 -27.34 -4.07
N THR B 208 -6.62 -27.23 -4.53
CA THR B 208 -5.58 -28.26 -4.34
C THR B 208 -5.32 -28.41 -2.84
N LEU B 209 -5.23 -27.29 -2.15
CA LEU B 209 -4.93 -27.30 -0.70
C LEU B 209 -6.09 -27.94 0.08
N GLU B 210 -7.34 -27.57 -0.21
CA GLU B 210 -8.50 -28.28 0.41
C GLU B 210 -8.32 -29.78 0.18
N ARG B 211 -8.04 -30.22 -1.06
CA ARG B 211 -7.98 -31.67 -1.32
C ARG B 211 -6.85 -32.30 -0.52
N SER B 212 -5.72 -31.61 -0.41
CA SER B 212 -4.52 -32.15 0.27
C SER B 212 -4.85 -32.37 1.76
N LEU B 213 -5.74 -31.54 2.33
CA LEU B 213 -6.07 -31.56 3.79
C LEU B 213 -7.33 -32.41 4.08
N GLY B 214 -7.98 -32.89 3.03
CA GLY B 214 -9.21 -33.68 3.18
C GLY B 214 -10.42 -32.81 3.55
N ILE B 215 -10.42 -31.53 3.16
CA ILE B 215 -11.51 -30.57 3.50
C ILE B 215 -12.53 -30.56 2.37
N PRO B 216 -13.83 -30.83 2.64
CA PRO B 216 -14.89 -30.65 1.66
C PRO B 216 -14.84 -29.27 1.01
N GLU B 217 -14.91 -29.25 -0.32
CA GLU B 217 -14.74 -28.04 -1.14
C GLU B 217 -15.72 -26.97 -0.64
N ARG B 218 -15.19 -25.78 -0.39
CA ARG B 218 -15.94 -24.62 0.17
C ARG B 218 -16.29 -23.67 -0.98
N LYS B 219 -17.36 -22.95 -0.82
CA LYS B 219 -17.61 -21.73 -1.62
C LYS B 219 -16.46 -20.75 -1.44
N ILE B 220 -16.26 -19.89 -2.43
CA ILE B 220 -15.20 -18.86 -2.41
C ILE B 220 -15.86 -17.48 -2.52
N ALA B 221 -15.39 -16.55 -1.70
CA ALA B 221 -15.72 -15.13 -1.83
C ALA B 221 -14.41 -14.39 -1.97
N ILE B 222 -14.38 -13.45 -2.88
CA ILE B 222 -13.23 -12.50 -3.05
C ILE B 222 -13.82 -11.12 -2.78
N ASN B 223 -13.92 -10.73 -1.50
CA ASN B 223 -14.80 -9.59 -1.13
C ASN B 223 -14.08 -8.25 -1.20
N GLU B 224 -12.87 -8.19 -1.76
CA GLU B 224 -12.26 -6.91 -2.21
C GLU B 224 -11.40 -7.22 -3.44
N TYR B 225 -11.67 -6.58 -4.56
CA TYR B 225 -10.86 -6.80 -5.77
C TYR B 225 -10.61 -5.49 -6.50
N SER B 226 -9.37 -5.36 -6.98
CA SER B 226 -8.95 -4.22 -7.84
C SER B 226 -7.58 -4.47 -8.44
N ASP B 227 -7.31 -3.68 -9.47
CA ASP B 227 -5.94 -3.46 -10.00
C ASP B 227 -5.07 -2.86 -8.90
N SER B 228 -3.75 -3.00 -9.04
CA SER B 228 -2.75 -2.36 -8.15
C SER B 228 -2.86 -0.84 -8.20
N ASN B 229 -3.36 -0.33 -9.31
CA ASN B 229 -3.67 1.10 -9.47
C ASN B 229 -5.07 1.37 -8.94
N HIS B 230 -5.17 2.01 -7.80
CA HIS B 230 -6.45 2.23 -7.10
C HIS B 230 -7.38 3.12 -7.94
N TYR B 231 -6.84 3.96 -8.82
CA TYR B 231 -7.68 4.79 -9.71
C TYR B 231 -8.39 3.93 -10.76
N ALA B 232 -8.04 2.63 -10.92
CA ALA B 232 -8.70 1.76 -11.91
C ALA B 232 -9.81 0.94 -11.23
N GLU B 233 -10.12 1.25 -9.97
CA GLU B 233 -11.30 0.63 -9.30
C GLU B 233 -12.52 1.02 -10.13
N GLY B 234 -13.39 0.07 -10.49
CA GLY B 234 -14.62 0.37 -11.26
C GLY B 234 -14.34 0.62 -12.73
N GLN B 235 -13.10 0.52 -13.21
CA GLN B 235 -12.80 0.77 -14.64
C GLN B 235 -13.26 -0.44 -15.45
N PRO B 236 -14.06 -0.26 -16.54
CA PRO B 236 -14.54 -1.40 -17.31
C PRO B 236 -13.42 -2.36 -17.79
N GLY B 237 -12.36 -1.81 -18.40
CA GLY B 237 -11.29 -2.65 -18.97
C GLY B 237 -10.53 -3.45 -17.91
N ALA B 238 -10.01 -2.79 -16.89
CA ALA B 238 -9.32 -3.46 -15.76
C ALA B 238 -10.29 -4.45 -15.06
N SER B 239 -11.58 -4.13 -14.98
CA SER B 239 -12.57 -4.97 -14.23
C SER B 239 -12.89 -6.25 -15.01
N ALA B 240 -12.89 -6.25 -16.33
CA ALA B 240 -13.43 -7.36 -17.11
C ALA B 240 -12.70 -8.66 -16.84
N PRO B 241 -11.34 -8.72 -16.78
CA PRO B 241 -10.65 -9.97 -16.49
C PRO B 241 -10.89 -10.48 -15.07
N PHE B 242 -11.23 -9.62 -14.11
CA PHE B 242 -11.58 -10.10 -12.76
C PHE B 242 -12.91 -10.86 -12.87
N ILE B 243 -13.93 -10.19 -13.43
CA ILE B 243 -15.27 -10.82 -13.60
C ILE B 243 -15.12 -12.12 -14.41
N ALA B 244 -14.38 -12.07 -15.52
CA ALA B 244 -14.16 -13.24 -16.41
C ALA B 244 -13.67 -14.44 -15.57
N LYS B 245 -12.68 -14.22 -14.72
CA LYS B 245 -11.99 -15.31 -13.98
C LYS B 245 -12.85 -15.75 -12.78
N PHE B 246 -13.54 -14.82 -12.14
CA PHE B 246 -14.48 -15.19 -11.07
C PHE B 246 -15.58 -16.07 -11.67
N GLU B 247 -16.15 -15.68 -12.80
CA GLU B 247 -17.21 -16.52 -13.44
C GLU B 247 -16.64 -17.86 -13.90
N ARG B 248 -15.45 -17.87 -14.52
CA ARG B 248 -14.76 -19.08 -15.02
C ARG B 248 -14.62 -20.10 -13.89
N ASN B 249 -14.24 -19.61 -12.71
CA ASN B 249 -13.93 -20.45 -11.52
C ASN B 249 -15.19 -20.65 -10.67
N LYS B 250 -16.37 -20.20 -11.09
CA LYS B 250 -17.64 -20.32 -10.33
C LYS B 250 -17.48 -19.86 -8.88
N VAL B 251 -16.85 -18.71 -8.72
CA VAL B 251 -16.73 -18.04 -7.42
C VAL B 251 -18.14 -17.69 -6.93
N ASP B 252 -18.40 -17.87 -5.64
CA ASP B 252 -19.75 -17.61 -5.08
C ASP B 252 -20.05 -16.11 -5.06
N SER B 253 -19.06 -15.30 -4.69
CA SER B 253 -19.24 -13.83 -4.69
C SER B 253 -17.89 -13.14 -4.78
N ALA B 254 -17.93 -11.91 -5.26
CA ALA B 254 -16.75 -11.02 -5.25
C ALA B 254 -17.26 -9.58 -5.19
N CYS B 255 -16.55 -8.75 -4.43
CA CYS B 255 -16.91 -7.35 -4.18
C CYS B 255 -15.74 -6.45 -4.59
N ILE B 256 -16.09 -5.41 -5.35
CA ILE B 256 -15.12 -4.37 -5.70
C ILE B 256 -14.57 -3.79 -4.39
N SER B 257 -13.30 -3.40 -4.44
CA SER B 257 -12.60 -2.68 -3.38
C SER B 257 -13.28 -1.35 -2.99
N TRP B 258 -12.81 -0.79 -1.88
CA TRP B 258 -13.18 0.57 -1.44
C TRP B 258 -11.94 1.35 -1.05
N TRP B 259 -11.21 1.78 -2.06
CA TRP B 259 -9.94 2.51 -1.86
C TRP B 259 -10.23 3.97 -1.51
N TRP B 260 -11.39 4.48 -1.89
CA TRP B 260 -11.64 5.95 -1.80
C TRP B 260 -12.62 6.20 -0.66
N THR B 261 -12.07 6.22 0.54
CA THR B 261 -12.88 6.24 1.77
C THR B 261 -13.60 7.58 1.97
N ASN B 262 -13.33 8.64 1.20
CA ASN B 262 -14.14 9.87 1.26
C ASN B 262 -15.30 9.78 0.25
N ALA B 263 -15.43 8.67 -0.47
CA ALA B 263 -16.50 8.47 -1.47
C ALA B 263 -17.22 7.14 -1.22
N PRO B 264 -17.80 6.95 -0.04
CA PRO B 264 -18.64 5.76 0.20
C PRO B 264 -19.87 5.82 -0.71
N GLY B 265 -20.42 4.65 -1.01
CA GLY B 265 -21.73 4.55 -1.68
C GLY B 265 -21.66 4.84 -3.15
N ARG B 266 -20.54 4.55 -3.81
CA ARG B 266 -20.41 4.70 -5.27
C ARG B 266 -20.28 3.36 -6.00
N LEU B 267 -20.77 2.28 -5.38
CA LEU B 267 -20.94 0.95 -6.00
C LEU B 267 -19.60 0.39 -6.49
N GLY B 268 -18.51 0.80 -5.87
CA GLY B 268 -17.16 0.34 -6.27
C GLY B 268 -16.60 1.22 -7.38
N SER B 269 -16.74 2.52 -7.24
CA SER B 269 -16.31 3.52 -8.27
C SER B 269 -17.02 3.22 -9.60
N LEU B 270 -18.20 2.59 -9.57
CA LEU B 270 -19.06 2.51 -10.77
C LEU B 270 -19.77 3.86 -10.99
N MET B 271 -20.04 4.60 -9.92
N MET B 271 -20.03 4.61 -9.91
CA MET B 271 -20.60 5.97 -9.95
CA MET B 271 -20.60 5.98 -9.98
C MET B 271 -19.40 6.93 -10.00
C MET B 271 -19.46 6.99 -9.93
N ALA B 272 -19.44 7.94 -10.87
CA ALA B 272 -18.39 8.97 -11.03
C ALA B 272 -18.50 10.02 -9.92
N SER B 273 -19.70 10.21 -9.38
CA SER B 273 -19.96 11.08 -8.20
C SER B 273 -21.08 10.45 -7.36
N ASP B 274 -21.54 11.14 -6.31
CA ASP B 274 -22.65 10.61 -5.49
C ASP B 274 -23.89 10.42 -6.37
N THR B 275 -24.02 11.18 -7.46
CA THR B 275 -25.28 11.32 -8.23
C THR B 275 -25.12 10.96 -9.70
N GLN B 276 -23.93 10.60 -10.20
CA GLN B 276 -23.72 10.42 -11.66
C GLN B 276 -23.06 9.07 -11.94
N LYS B 277 -23.51 8.39 -12.98
CA LYS B 277 -22.90 7.13 -13.45
C LYS B 277 -21.52 7.44 -14.02
N GLY B 278 -20.56 6.55 -13.73
CA GLY B 278 -19.27 6.48 -14.42
C GLY B 278 -19.29 5.41 -15.49
N ALA B 279 -18.19 5.19 -16.20
CA ALA B 279 -18.08 4.19 -17.29
C ALA B 279 -18.39 2.80 -16.72
N GLY B 280 -17.84 2.48 -15.55
CA GLY B 280 -18.05 1.15 -14.94
C GLY B 280 -19.52 0.83 -14.74
N TRP B 281 -20.35 1.83 -14.43
CA TRP B 281 -21.80 1.58 -14.20
C TRP B 281 -22.40 0.88 -15.44
N TRP B 282 -22.14 1.41 -16.63
CA TRP B 282 -22.71 0.91 -17.92
C TRP B 282 -22.21 -0.50 -18.19
N PHE B 283 -20.96 -0.79 -17.87
CA PHE B 283 -20.37 -2.13 -18.09
C PHE B 283 -21.05 -3.11 -17.14
N TYR B 284 -21.19 -2.74 -15.85
CA TYR B 284 -21.80 -3.68 -14.90
C TYR B 284 -23.32 -3.78 -15.16
N LYS B 285 -23.91 -2.79 -15.83
CA LYS B 285 -25.34 -2.83 -16.24
C LYS B 285 -25.51 -3.91 -17.31
N TRP B 286 -24.62 -3.96 -18.29
CA TRP B 286 -24.64 -5.07 -19.26
C TRP B 286 -24.50 -6.39 -18.51
N TYR B 287 -23.61 -6.43 -17.52
CA TYR B 287 -23.44 -7.66 -16.70
C TYR B 287 -24.78 -8.03 -16.04
N GLY B 288 -25.44 -7.05 -15.42
CA GLY B 288 -26.74 -7.19 -14.73
C GLY B 288 -27.85 -7.67 -15.66
N ASP B 289 -27.75 -7.30 -16.93
CA ASP B 289 -28.74 -7.70 -17.97
C ASP B 289 -28.60 -9.18 -18.30
N MET B 290 -27.44 -9.79 -18.07
CA MET B 290 -27.19 -11.20 -18.39
C MET B 290 -28.19 -12.08 -17.63
N THR B 291 -28.72 -13.04 -18.37
CA THR B 291 -29.74 -14.02 -17.96
C THR B 291 -29.41 -15.36 -18.60
N GLY B 292 -30.02 -16.42 -18.10
CA GLY B 292 -29.78 -17.75 -18.67
C GLY B 292 -28.63 -18.44 -17.94
N ASN B 293 -27.73 -19.04 -18.68
CA ASN B 293 -26.54 -19.73 -18.15
C ASN B 293 -25.26 -18.99 -18.56
N MET B 294 -24.32 -18.99 -17.64
CA MET B 294 -22.93 -18.60 -17.94
C MET B 294 -22.25 -19.77 -18.64
N VAL B 295 -21.42 -19.48 -19.62
CA VAL B 295 -20.75 -20.54 -20.41
C VAL B 295 -19.24 -20.31 -20.39
N ASN B 296 -18.51 -21.35 -20.79
CA ASN B 296 -17.03 -21.37 -20.73
C ASN B 296 -16.50 -20.38 -21.75
N VAL B 297 -15.58 -19.55 -21.31
CA VAL B 297 -14.80 -18.64 -22.20
C VAL B 297 -13.33 -19.03 -22.00
N ILE B 298 -12.67 -19.37 -23.10
CA ILE B 298 -11.25 -19.79 -23.09
C ILE B 298 -10.41 -18.56 -23.41
N PRO B 299 -9.62 -18.08 -22.43
CA PRO B 299 -8.84 -16.84 -22.61
C PRO B 299 -7.51 -17.11 -23.31
N GLN B 300 -6.91 -16.06 -23.86
CA GLN B 300 -5.57 -16.17 -24.47
C GLN B 300 -4.58 -16.59 -23.40
N ASN B 301 -4.65 -15.94 -22.23
CA ASN B 301 -3.72 -16.25 -21.11
C ASN B 301 -4.46 -16.02 -19.79
N ASP B 302 -4.94 -17.11 -19.19
CA ASP B 302 -5.74 -17.02 -17.94
C ASP B 302 -4.90 -16.35 -16.84
N ASN B 303 -3.58 -16.53 -16.88
CA ASN B 303 -2.68 -16.07 -15.79
C ASN B 303 -2.09 -14.71 -16.20
N SER B 304 -2.94 -13.79 -16.62
CA SER B 304 -2.55 -12.45 -17.11
C SER B 304 -3.69 -11.48 -16.89
N ASN B 305 -3.45 -10.21 -17.19
CA ASN B 305 -4.50 -9.16 -17.18
C ASN B 305 -4.91 -8.87 -18.64
N LEU B 306 -4.57 -9.77 -19.57
CA LEU B 306 -4.98 -9.59 -20.98
C LEU B 306 -6.49 -9.68 -21.07
N ALA B 307 -7.03 -9.15 -22.16
CA ALA B 307 -8.48 -9.11 -22.42
C ALA B 307 -9.03 -10.51 -22.18
N ASP B 308 -10.13 -10.56 -21.47
CA ASP B 308 -10.79 -11.83 -21.09
C ASP B 308 -12.27 -11.51 -21.10
N GLY B 309 -13.11 -12.53 -21.04
CA GLY B 309 -14.54 -12.28 -21.16
C GLY B 309 -15.36 -13.33 -20.42
N PHE B 310 -16.59 -12.97 -20.21
CA PHE B 310 -17.60 -13.81 -19.56
C PHE B 310 -18.81 -13.71 -20.47
N ALA B 311 -19.58 -14.80 -20.53
CA ALA B 311 -20.65 -14.91 -21.54
C ALA B 311 -21.84 -15.69 -21.00
N CYS B 312 -23.04 -15.27 -21.44
CA CYS B 312 -24.29 -15.99 -21.12
C CYS B 312 -25.00 -16.40 -22.41
N VAL B 313 -25.72 -17.50 -22.31
CA VAL B 313 -26.61 -18.01 -23.38
C VAL B 313 -27.98 -18.16 -22.73
N ASP B 314 -29.00 -17.54 -23.31
CA ASP B 314 -30.39 -17.55 -22.78
C ASP B 314 -31.29 -17.99 -23.92
N SER B 315 -31.74 -19.24 -23.90
CA SER B 315 -32.63 -19.78 -24.98
C SER B 315 -34.08 -19.38 -24.72
N ASN B 316 -34.41 -18.83 -23.54
CA ASN B 316 -35.75 -18.26 -23.28
C ASN B 316 -35.88 -16.92 -24.06
N ALA B 317 -34.96 -16.01 -23.78
CA ALA B 317 -34.91 -14.64 -24.34
C ALA B 317 -34.26 -14.68 -25.72
N LYS B 318 -33.55 -15.74 -26.05
CA LYS B 318 -33.02 -16.05 -27.41
C LYS B 318 -31.81 -15.16 -27.76
N TYR B 319 -30.79 -15.15 -26.92
CA TYR B 319 -29.58 -14.33 -27.23
C TYR B 319 -28.34 -14.95 -26.58
N ILE B 320 -27.19 -14.52 -27.08
CA ILE B 320 -25.85 -14.75 -26.48
C ILE B 320 -25.28 -13.39 -26.17
N SER B 321 -24.81 -13.16 -24.95
CA SER B 321 -24.07 -11.92 -24.63
C SER B 321 -22.65 -12.24 -24.18
N VAL B 322 -21.65 -11.58 -24.77
CA VAL B 322 -20.23 -11.73 -24.39
C VAL B 322 -19.76 -10.36 -23.90
N LEU B 323 -19.26 -10.28 -22.66
CA LEU B 323 -18.67 -9.05 -22.12
C LEU B 323 -17.18 -9.23 -21.92
N LEU B 324 -16.38 -8.22 -22.28
CA LEU B 324 -14.92 -8.42 -22.28
C LEU B 324 -14.20 -7.07 -22.20
N GLY B 325 -12.91 -7.19 -21.86
CA GLY B 325 -12.04 -6.04 -21.71
C GLY B 325 -10.74 -6.47 -21.07
N GLY B 326 -9.76 -5.58 -21.10
CA GLY B 326 -8.42 -5.83 -20.55
C GLY B 326 -7.34 -5.51 -21.56
N VAL B 327 -6.11 -5.88 -21.23
CA VAL B 327 -4.91 -5.45 -21.99
C VAL B 327 -4.93 -6.19 -23.32
N ASN B 328 -4.77 -5.47 -24.43
CA ASN B 328 -4.80 -6.14 -25.75
C ASN B 328 -3.92 -5.37 -26.74
N ASP B 329 -3.75 -5.94 -27.92
CA ASP B 329 -2.81 -5.43 -28.95
C ASP B 329 -3.54 -4.48 -29.88
N GLY B 330 -4.76 -4.06 -29.58
CA GLY B 330 -5.49 -3.05 -30.36
C GLY B 330 -6.54 -3.65 -31.27
N THR B 331 -6.67 -4.96 -31.27
CA THR B 331 -7.80 -5.71 -31.89
C THR B 331 -8.20 -6.84 -30.94
N VAL B 332 -9.48 -7.11 -30.80
CA VAL B 332 -9.95 -8.27 -30.00
C VAL B 332 -10.81 -9.15 -30.91
N ASN B 333 -10.41 -10.41 -31.02
CA ASN B 333 -11.18 -11.43 -31.77
C ASN B 333 -11.95 -12.29 -30.76
N VAL B 334 -13.22 -12.51 -31.06
CA VAL B 334 -14.15 -13.32 -30.24
C VAL B 334 -14.66 -14.43 -31.16
N ASN B 335 -14.14 -15.64 -30.96
CA ASN B 335 -14.55 -16.88 -31.66
C ASN B 335 -15.69 -17.48 -30.84
N ILE B 336 -16.89 -17.51 -31.40
CA ILE B 336 -18.10 -18.07 -30.72
C ILE B 336 -18.38 -19.41 -31.37
N LYS B 337 -18.28 -20.51 -30.64
CA LYS B 337 -18.44 -21.85 -31.25
C LYS B 337 -19.59 -22.59 -30.57
N ASN B 338 -20.03 -23.70 -31.18
CA ASN B 338 -21.11 -24.56 -30.63
C ASN B 338 -22.34 -23.69 -30.41
N ILE B 339 -22.60 -22.77 -31.35
CA ILE B 339 -23.74 -21.85 -31.26
C ILE B 339 -25.02 -22.69 -31.20
N PRO B 340 -25.98 -22.36 -30.32
CA PRO B 340 -27.23 -23.10 -30.27
C PRO B 340 -28.09 -22.96 -31.54
N ALA B 341 -28.97 -23.94 -31.73
CA ALA B 341 -29.89 -24.01 -32.86
C ALA B 341 -30.77 -22.75 -32.90
N PHE B 342 -31.20 -22.24 -31.75
CA PHE B 342 -32.17 -21.11 -31.74
C PHE B 342 -31.63 -19.88 -32.49
N ILE B 343 -30.31 -19.80 -32.72
CA ILE B 343 -29.71 -18.66 -33.47
C ILE B 343 -30.01 -18.82 -34.97
N GLY B 344 -30.00 -20.06 -35.45
CA GLY B 344 -30.26 -20.33 -36.88
C GLY B 344 -28.97 -20.32 -37.66
N SER B 345 -29.06 -20.14 -38.99
CA SER B 345 -27.90 -20.21 -39.91
C SER B 345 -27.22 -18.84 -40.02
N SER B 346 -27.93 -17.78 -39.66
CA SER B 346 -27.50 -16.36 -39.72
C SER B 346 -27.83 -15.62 -38.43
N ALA B 347 -26.89 -14.80 -37.98
CA ALA B 347 -27.00 -14.07 -36.69
C ALA B 347 -26.85 -12.56 -36.95
N THR B 348 -27.56 -11.74 -36.20
CA THR B 348 -27.21 -10.31 -36.03
C THR B 348 -26.26 -10.20 -34.84
N VAL B 349 -25.12 -9.57 -35.05
CA VAL B 349 -24.07 -9.37 -34.02
C VAL B 349 -23.93 -7.87 -33.83
N LYS B 350 -24.32 -7.40 -32.66
CA LYS B 350 -24.16 -6.00 -32.24
C LYS B 350 -22.96 -5.89 -31.29
N VAL B 351 -21.95 -5.11 -31.65
CA VAL B 351 -20.75 -4.84 -30.80
C VAL B 351 -20.88 -3.42 -30.26
N GLU B 352 -20.85 -3.26 -28.94
CA GLU B 352 -20.97 -1.96 -28.25
C GLU B 352 -19.76 -1.78 -27.32
N LYS B 353 -19.47 -0.55 -26.94
CA LYS B 353 -18.34 -0.26 -26.04
C LYS B 353 -18.78 0.81 -25.06
N VAL B 354 -18.12 0.85 -23.91
CA VAL B 354 -18.21 2.01 -22.99
C VAL B 354 -16.78 2.45 -22.75
N ASP B 355 -16.55 3.76 -22.93
CA ASP B 355 -15.19 4.32 -22.83
C ASP B 355 -14.96 4.90 -21.44
N TRP B 356 -13.70 4.90 -21.00
CA TRP B 356 -13.32 5.35 -19.66
C TRP B 356 -12.23 6.40 -19.80
N ASN B 357 -12.36 7.50 -19.07
N ASN B 357 -12.41 7.54 -19.15
CA ASN B 357 -11.34 8.59 -19.05
CA ASN B 357 -11.39 8.62 -19.05
C ASN B 357 -10.85 8.82 -17.61
C ASN B 357 -11.40 9.19 -17.62
N GLY B 358 -11.57 8.33 -16.61
CA GLY B 358 -11.27 8.62 -15.22
C GLY B 358 -12.34 8.04 -14.33
N LYS B 359 -11.95 7.67 -13.12
CA LYS B 359 -12.84 7.17 -12.05
C LYS B 359 -14.03 8.13 -11.80
N ASP B 360 -13.76 9.44 -11.81
CA ASP B 360 -14.74 10.46 -11.34
C ASP B 360 -15.35 11.21 -12.56
N THR B 361 -15.18 10.70 -13.75
CA THR B 361 -15.70 11.32 -15.00
C THR B 361 -17.10 10.76 -15.32
N PRO B 362 -18.16 11.61 -15.29
CA PRO B 362 -19.50 11.15 -15.62
C PRO B 362 -19.56 10.61 -17.04
N VAL B 363 -20.28 9.49 -17.21
CA VAL B 363 -20.54 8.87 -18.53
C VAL B 363 -22.06 8.73 -18.64
N ASN B 364 -22.60 9.19 -19.77
N ASN B 364 -22.65 9.19 -19.74
CA ASN B 364 -24.07 9.33 -20.01
CA ASN B 364 -24.13 9.22 -19.90
C ASN B 364 -24.61 8.14 -20.84
C ASN B 364 -24.56 8.26 -21.01
N GLY B 365 -23.78 7.22 -21.29
CA GLY B 365 -24.23 6.09 -22.13
C GLY B 365 -23.09 5.41 -22.84
N THR B 366 -23.43 4.55 -23.79
CA THR B 366 -22.51 3.63 -24.50
C THR B 366 -22.48 3.95 -25.97
N ASN B 367 -21.57 3.31 -26.70
CA ASN B 367 -21.33 3.58 -28.14
C ASN B 367 -21.55 2.28 -28.89
N THR B 368 -22.17 2.35 -30.05
CA THR B 368 -22.30 1.20 -30.95
C THR B 368 -21.07 1.19 -31.86
N VAL B 369 -20.30 0.12 -31.85
CA VAL B 369 -19.15 -0.08 -32.78
C VAL B 369 -19.68 -0.53 -34.15
N PHE B 370 -20.47 -1.59 -34.23
CA PHE B 370 -21.15 -2.00 -35.48
C PHE B 370 -22.24 -3.00 -35.15
N SER B 371 -23.18 -3.17 -36.08
N SER B 371 -23.13 -3.25 -36.11
CA SER B 371 -24.04 -4.38 -36.19
CA SER B 371 -24.07 -4.40 -36.15
C SER B 371 -23.79 -4.97 -37.57
C SER B 371 -24.05 -5.03 -37.54
N LYS B 372 -23.59 -6.29 -37.65
CA LYS B 372 -23.37 -6.99 -38.93
C LYS B 372 -24.17 -8.29 -38.88
N ARG B 373 -24.58 -8.80 -40.05
CA ARG B 373 -24.99 -10.21 -40.25
C ARG B 373 -23.74 -11.06 -40.27
N TYR B 374 -23.77 -12.23 -39.64
CA TYR B 374 -22.74 -13.28 -39.82
C TYR B 374 -23.48 -14.56 -40.20
N THR B 375 -22.84 -15.39 -41.02
CA THR B 375 -23.31 -16.76 -41.31
C THR B 375 -22.66 -17.71 -40.32
N VAL B 376 -23.46 -18.52 -39.64
CA VAL B 376 -22.94 -19.58 -38.75
C VAL B 376 -22.36 -20.69 -39.64
N SER B 377 -21.12 -21.07 -39.37
CA SER B 377 -20.35 -22.07 -40.14
C SER B 377 -19.84 -23.14 -39.18
N ASN B 378 -20.35 -24.37 -39.29
CA ASN B 378 -20.06 -25.47 -38.34
C ASN B 378 -20.26 -24.95 -36.89
N GLY B 379 -21.31 -24.18 -36.67
CA GLY B 379 -21.71 -23.67 -35.35
C GLY B 379 -20.81 -22.55 -34.84
N THR B 380 -19.97 -21.96 -35.71
CA THR B 380 -18.95 -20.92 -35.33
C THR B 380 -19.22 -19.60 -36.05
N ILE B 381 -19.09 -18.48 -35.32
CA ILE B 381 -18.87 -17.14 -35.94
C ILE B 381 -17.62 -16.55 -35.30
N ASN B 382 -16.87 -15.80 -36.11
CA ASN B 382 -15.58 -15.17 -35.73
C ASN B 382 -15.75 -13.67 -35.84
N VAL B 383 -15.90 -13.02 -34.70
CA VAL B 383 -16.15 -11.56 -34.61
C VAL B 383 -14.80 -10.89 -34.33
N SER B 384 -14.52 -9.83 -35.05
CA SER B 384 -13.29 -9.03 -34.83
C SER B 384 -13.68 -7.62 -34.44
N ILE B 385 -13.19 -7.15 -33.29
CA ILE B 385 -13.51 -5.79 -32.78
C ILE B 385 -12.29 -4.94 -33.10
N PRO B 386 -12.40 -3.96 -34.01
CA PRO B 386 -11.22 -3.18 -34.38
C PRO B 386 -10.99 -2.01 -33.42
N GLY B 387 -9.76 -1.47 -33.36
CA GLY B 387 -9.50 -0.20 -32.65
C GLY B 387 -9.73 -0.30 -31.14
N THR B 388 -9.42 -1.46 -30.55
CA THR B 388 -9.65 -1.69 -29.09
C THR B 388 -8.53 -1.07 -28.25
N ASN B 389 -8.86 -0.78 -27.00
CA ASN B 389 -7.90 -0.23 -26.01
C ASN B 389 -8.06 -1.02 -24.70
N ASN B 390 -7.27 -0.68 -23.68
CA ASN B 390 -7.19 -1.47 -22.42
C ASN B 390 -8.17 -1.01 -21.33
N THR B 391 -8.85 0.11 -21.49
CA THR B 391 -9.68 0.72 -20.44
C THR B 391 -11.17 0.58 -20.77
N SER B 392 -11.54 0.52 -22.05
CA SER B 392 -12.96 0.41 -22.46
C SER B 392 -13.49 -0.97 -22.05
N GLY B 393 -14.80 -1.07 -21.91
CA GLY B 393 -15.49 -2.37 -21.90
C GLY B 393 -16.25 -2.60 -23.20
N TYR B 394 -16.37 -3.86 -23.60
CA TYR B 394 -17.00 -4.24 -24.87
C TYR B 394 -18.04 -5.31 -24.63
N ARG B 395 -19.09 -5.28 -25.47
CA ARG B 395 -20.15 -6.31 -25.49
C ARG B 395 -20.31 -6.78 -26.93
N VAL B 396 -20.40 -8.09 -27.09
CA VAL B 396 -20.79 -8.74 -28.36
C VAL B 396 -22.12 -9.42 -28.07
N TYR B 397 -23.18 -8.93 -28.71
CA TYR B 397 -24.57 -9.41 -28.51
C TYR B 397 -25.00 -10.11 -29.79
N VAL B 398 -25.39 -11.39 -29.66
CA VAL B 398 -25.75 -12.26 -30.83
C VAL B 398 -27.22 -12.66 -30.70
N SER B 399 -28.00 -12.41 -31.75
CA SER B 399 -29.42 -12.84 -31.81
C SER B 399 -29.73 -13.34 -33.23
N ARG B 400 -30.87 -14.00 -33.38
CA ARG B 400 -31.39 -14.50 -34.69
C ARG B 400 -31.61 -13.30 -35.61
N LEU B 401 -31.19 -13.40 -36.86
CA LEU B 401 -31.25 -12.27 -37.83
C LEU B 401 -32.71 -11.85 -38.09
#